data_9UOK
#
_entry.id   9UOK
#
_cell.length_a   1.00
_cell.length_b   1.00
_cell.length_c   1.00
_cell.angle_alpha   90.00
_cell.angle_beta   90.00
_cell.angle_gamma   90.00
#
_symmetry.space_group_name_H-M   'P 1'
#
loop_
_entity.id
_entity.type
_entity.pdbx_description
1 polymer MB52
2 polymer 'Leucine-rich repeat-containing G-protein coupled receptor 4'
3 polymer 'Norrin,Immunoglobulin gamma-1 heavy chain'
#
loop_
_entity_poly.entity_id
_entity_poly.type
_entity_poly.pdbx_seq_one_letter_code
_entity_poly.pdbx_strand_id
1 'polypeptide(L)'
;MKKIWLALAGLVLAFSASAQVQLVESGGGLVQTKTTTSVIDTTNDAQNLLTQAQTIVNTLKDYCPILIAKSSSSNGGTNN
ANTPSWQTAGGGKNSCATFGAEFSAASDMINNAQKIVQETQQLSANQPKNITQPHNLNLNSPSSLTALAQKMLKNAQSQA
EILKLANQVESDFNKLSSGHLKDYIGKCDASAISSANMTMQNQKNNWGNGCAGVEETQSLLKTSAADFNNQTPQINQAQN
LANTLIQELGNNPFRASGGGSGGGGSGKLSDTYEQLSRLLTNDNGTNSKTSAQAINQAVNNLNERAKTLAGGTTNSPAYQ
ATLLALRSVLGLWNSMGYAVICGGYTKSPGENNQKDFHYTDENGNGTTINCGGSTNSNGTHSYNGTNTLKADKNVSLSIE
QYEKIHEAYQILSKALKQAGLAPLNSKGEKLEAHVTTSKYGSLRLSCAASGYTYSPYCMGWFRQAPGKAREGVATVDLDG
STIYADSVKGRFTISQDNAKNTLYLQMNSLKPEDTAMYYCASRTRAGVTCGLNWAIFSYWGQGTQVTVSSHHHHHH
;
A
2 'polypeptide(L)'
;MKTIIALSYIFCLVFAAPPLCAAPCSCDGDRRVDCSGKGLTAVPEGLSAFTQALDISMNNITQLPEDAFKNFPFLEELQL
AGNDLSFIHPKALSGLKELKVLTLQNNQLKTVPSEAIRGLSALQSLRLDANHITSVPEDSFEGLVQLRHLWLDDNSLTEV
PVHPLSNLPTLQALTLALNKISSIPDFAFTNLSSLVVLHLHNNKIRSLSQHCFDGLDNLETLDLNYNNLGEFPQAIKALP
SLKELGFHSNSISVIPDGAFDGNPLLRTIHLYDNPLSFVGNSAFHNLSDLHSLVIRGASMVQQFPNLTGTVHLESLTLTG
TKISSIPNNLCQEQKMLRTLDLSYNNIRDLPSFNGCHALEEISLQRNQIYQIKEGTFQGLISLRILDLSRNLIHEIHSRA
FATLGPITNLDVSFNELTSFPTEGLNGLNQLKLVGNFKLKEALAAKDFVNLRSLSVPYAYQCCAFWGCDSYANLNTEDNS
LQDHSVAQEKGTADAANVTSTLENEEHSQIIIHCTPSTGAFKPCEYLLGSWMIRLTVWFIFLVALFFNLLVILTTFASCT
SLPSSKLFIGLISVSNLFMGIYTGILTFLDAVSWGRFAEFGIWWETGSGCKVAGFLAVFSSESAIFLLMLATVERSLSAK
DIMKNGKSNHLKQFRVAALLAFLGATVAGCFPLFHRGEYSASPLCLPFPTGETPSLGFTVTLVLLNSLAFLLMAVIYTKL
YCNLEKEDLSENSQSSMIKHVAWLIFTNCIFFCPVAFFSFAPLITAISISPEIMKSVTLIFFPLPACLNPVLYVFFNPKF
KEDWKLLKRRVTKKSGSVSVSISSQGGCLEQDFYYDCGMYSHLQGNLTVCDCCESFLLTKPVSCKHLIKSHSCPALAVAS
CQRPEGYWSDCGTQSAHSDYADEEDSFVSDSSDQVQACGRACFYQSRGFPLVRYAYNLPRVKDAAADYKDDDDK
;
C
3 'polypeptide(L)'
;MLLVNQSHQGFNKEHTSKMVSAIVLYVLLAAAAHSAFAKTDSSFIMDSDPRRCMRHHYVDSISHPLYKCSSKMVLLARCE
GHCSQASRSEPLVSFSTVLKQPFRSSCHCCRPQTSKLKALRLRCSGGMRLTATYRYILSCHCEECNSGGSGGSGGLEVLF
QGPGGSGGSGGKSCDKTHTCPPCPAPELLGGPSVFLFPPKPKDTLMISRTPEVTCVVVDVSHEDPEVKFNWYVDGVEVHN
AKTKPREEQYNSTYRVVSVLTVLHQDWLNGKEYKCKVSNKALPAPIEKTISKAKGQPREPQVYTLPPSRDELTKNQVSLT
CLVKGFYPSDIAVEWESNGQPENNYKATPPVLDSDGSFFLYSKLTVDKSRWQQGNVFSCSVMHEALHNHYTQKSLSLSPG
KDYKDDDDK
;
E,F
#
# COMPACT_ATOMS: atom_id res chain seq x y z
N GLY A 441 23.11 -10.83 -52.71
CA GLY A 441 23.93 -9.63 -52.71
C GLY A 441 25.13 -9.73 -51.79
N SER A 442 26.29 -9.29 -52.30
CA SER A 442 27.54 -9.33 -51.53
C SER A 442 27.69 -8.02 -50.75
N LEU A 443 26.86 -7.89 -49.71
CA LEU A 443 26.70 -6.62 -49.01
C LEU A 443 27.63 -6.61 -47.79
N ARG A 444 28.66 -5.78 -47.86
CA ARG A 444 29.57 -5.57 -46.74
C ARG A 444 29.07 -4.39 -45.93
N LEU A 445 28.70 -4.63 -44.67
CA LEU A 445 28.21 -3.58 -43.79
C LEU A 445 29.34 -3.23 -42.82
N SER A 446 30.18 -2.30 -43.26
CA SER A 446 31.35 -1.91 -42.50
C SER A 446 30.99 -0.94 -41.39
N CYS A 447 31.89 -0.82 -40.42
CA CYS A 447 31.76 0.12 -39.31
C CYS A 447 33.12 0.76 -39.08
N ALA A 448 33.14 1.81 -38.28
CA ALA A 448 34.38 2.48 -37.94
C ALA A 448 34.24 3.14 -36.58
N ALA A 449 35.20 2.90 -35.69
CA ALA A 449 35.24 3.52 -34.38
C ALA A 449 36.31 4.59 -34.40
N SER A 450 35.92 5.83 -34.10
CA SER A 450 36.83 6.97 -34.19
C SER A 450 37.25 7.51 -32.84
N GLY A 451 36.57 7.16 -31.75
CA GLY A 451 36.93 7.65 -30.43
C GLY A 451 38.26 7.15 -29.91
N TYR A 452 38.31 5.88 -29.50
CA TYR A 452 39.52 5.27 -28.97
C TYR A 452 39.74 3.94 -29.66
N THR A 453 41.02 3.53 -29.74
CA THR A 453 41.46 2.41 -30.56
C THR A 453 41.55 1.09 -29.78
N TYR A 454 42.08 1.13 -28.55
CA TYR A 454 42.27 -0.08 -27.78
C TYR A 454 40.97 -0.84 -27.62
N SER A 455 41.03 -2.16 -27.82
CA SER A 455 39.88 -3.04 -28.01
C SER A 455 38.78 -2.81 -26.98
N PRO A 456 37.62 -2.32 -27.41
CA PRO A 456 36.47 -2.24 -26.52
C PRO A 456 36.00 -3.63 -26.10
N TYR A 457 35.30 -3.67 -24.96
CA TYR A 457 34.89 -4.96 -24.40
C TYR A 457 33.97 -5.73 -25.33
N CYS A 458 33.06 -5.03 -26.01
CA CYS A 458 32.07 -5.72 -26.82
C CYS A 458 31.61 -4.79 -27.93
N MET A 459 31.35 -5.36 -29.10
CA MET A 459 30.85 -4.60 -30.23
C MET A 459 29.81 -5.45 -30.95
N GLY A 460 28.65 -4.88 -31.18
CA GLY A 460 27.60 -5.60 -31.86
C GLY A 460 27.01 -4.87 -33.04
N TRP A 461 26.33 -5.62 -33.89
CA TRP A 461 25.47 -5.08 -34.93
C TRP A 461 24.02 -5.34 -34.55
N PHE A 462 23.19 -4.32 -34.77
CA PHE A 462 21.77 -4.37 -34.47
C PHE A 462 21.00 -3.88 -35.69
N ARG A 463 19.70 -4.14 -35.71
CA ARG A 463 18.86 -3.66 -36.79
C ARG A 463 17.55 -3.16 -36.20
N GLN A 464 16.87 -2.29 -36.96
CA GLN A 464 15.60 -1.72 -36.54
C GLN A 464 14.69 -1.65 -37.76
N ALA A 465 13.54 -2.31 -37.66
CA ALA A 465 12.44 -2.07 -38.58
C ALA A 465 11.82 -0.69 -38.29
N PRO A 466 11.16 -0.09 -39.28
CA PRO A 466 10.56 1.24 -39.05
C PRO A 466 9.56 1.27 -37.90
N GLY A 467 9.90 2.00 -36.84
CA GLY A 467 9.01 2.24 -35.74
C GLY A 467 8.98 1.19 -34.66
N LYS A 468 9.62 0.04 -34.87
CA LYS A 468 9.64 -1.02 -33.88
C LYS A 468 10.92 -0.94 -33.04
N ALA A 469 11.14 -1.94 -32.20
CA ALA A 469 12.24 -1.94 -31.27
C ALA A 469 13.54 -2.35 -31.97
N ARG A 470 14.64 -2.22 -31.23
CA ARG A 470 15.95 -2.63 -31.69
C ARG A 470 16.21 -4.05 -31.21
N GLU A 471 16.33 -4.98 -32.16
CA GLU A 471 16.72 -6.35 -31.83
C GLU A 471 18.06 -6.66 -32.48
N GLY A 472 18.84 -7.51 -31.81
CA GLY A 472 20.22 -7.70 -32.18
C GLY A 472 20.39 -8.45 -33.48
N VAL A 473 21.60 -8.32 -34.04
CA VAL A 473 22.01 -9.09 -35.20
C VAL A 473 23.21 -9.96 -34.88
N ALA A 474 24.24 -9.39 -34.26
CA ALA A 474 25.43 -10.15 -33.92
C ALA A 474 26.21 -9.40 -32.84
N THR A 475 27.07 -10.13 -32.13
CA THR A 475 27.93 -9.54 -31.12
C THR A 475 29.27 -10.26 -31.10
N VAL A 476 30.32 -9.51 -30.77
CA VAL A 476 31.66 -10.06 -30.59
C VAL A 476 32.35 -9.31 -29.45
N ASP A 477 33.02 -10.07 -28.57
CA ASP A 477 33.69 -9.53 -27.41
C ASP A 477 35.21 -9.54 -27.61
N LEU A 478 35.92 -9.17 -26.56
CA LEU A 478 37.38 -9.03 -26.64
C LEU A 478 38.07 -10.35 -26.97
N ASP A 479 37.52 -11.48 -26.52
CA ASP A 479 38.18 -12.76 -26.74
C ASP A 479 37.94 -13.31 -28.13
N GLY A 480 37.00 -12.76 -28.89
CA GLY A 480 36.66 -13.28 -30.18
C GLY A 480 35.41 -14.14 -30.20
N SER A 481 34.80 -14.37 -29.05
CA SER A 481 33.54 -15.12 -29.00
C SER A 481 32.47 -14.39 -29.81
N THR A 482 31.63 -15.17 -30.48
CA THR A 482 30.68 -14.63 -31.45
C THR A 482 29.29 -15.13 -31.12
N ILE A 483 28.30 -14.24 -31.27
CA ILE A 483 26.90 -14.61 -31.11
C ILE A 483 26.10 -14.01 -32.26
N TYR A 484 25.09 -14.76 -32.72
CA TYR A 484 24.20 -14.31 -33.79
C TYR A 484 22.75 -14.52 -33.36
N ALA A 485 21.85 -13.83 -34.06
CA ALA A 485 20.43 -14.06 -33.91
C ALA A 485 20.00 -15.35 -34.60
N ASP A 486 18.85 -15.88 -34.20
CA ASP A 486 18.34 -17.11 -34.80
C ASP A 486 18.05 -16.93 -36.28
N SER A 487 17.41 -15.82 -36.65
CA SER A 487 17.16 -15.54 -38.05
C SER A 487 18.43 -15.19 -38.82
N VAL A 488 19.55 -14.97 -38.12
CA VAL A 488 20.80 -14.54 -38.72
C VAL A 488 21.85 -15.64 -38.64
N LYS A 489 21.47 -16.82 -38.13
CA LYS A 489 22.45 -17.84 -37.77
C LYS A 489 23.37 -18.21 -38.93
N GLY A 490 22.84 -18.27 -40.14
CA GLY A 490 23.64 -18.75 -41.25
C GLY A 490 23.98 -17.73 -42.33
N ARG A 491 23.09 -16.76 -42.56
CA ARG A 491 23.25 -15.88 -43.71
C ARG A 491 24.41 -14.92 -43.52
N PHE A 492 24.51 -14.29 -42.35
CA PHE A 492 25.50 -13.24 -42.14
C PHE A 492 26.75 -13.82 -41.50
N THR A 493 27.72 -12.95 -41.28
CA THR A 493 28.88 -13.30 -40.46
C THR A 493 29.53 -12.03 -39.95
N ILE A 494 29.74 -11.96 -38.64
CA ILE A 494 30.41 -10.82 -38.01
C ILE A 494 31.90 -11.09 -37.98
N SER A 495 32.68 -10.09 -38.35
CA SER A 495 34.13 -10.17 -38.31
C SER A 495 34.68 -8.97 -37.55
N GLN A 496 36.00 -8.80 -37.53
CA GLN A 496 36.60 -7.67 -36.84
C GLN A 496 38.06 -7.57 -37.26
N ASP A 497 38.57 -6.34 -37.27
CA ASP A 497 39.99 -6.06 -37.44
C ASP A 497 40.36 -5.19 -36.24
N ASN A 498 40.83 -5.84 -35.18
CA ASN A 498 41.00 -5.17 -33.89
C ASN A 498 42.01 -4.03 -33.96
N ALA A 499 43.11 -4.23 -34.68
CA ALA A 499 44.16 -3.22 -34.73
C ALA A 499 43.67 -1.91 -35.34
N LYS A 500 42.64 -1.97 -36.19
CA LYS A 500 42.16 -0.79 -36.89
C LYS A 500 40.74 -0.38 -36.52
N ASN A 501 40.03 -1.18 -35.72
CA ASN A 501 38.65 -0.93 -35.30
C ASN A 501 37.66 -0.89 -36.46
N THR A 502 38.08 -1.29 -37.66
CA THR A 502 37.14 -1.50 -38.75
C THR A 502 36.47 -2.85 -38.55
N LEU A 503 35.18 -2.83 -38.24
CA LEU A 503 34.41 -4.02 -37.91
C LEU A 503 33.34 -4.21 -38.96
N TYR A 504 33.46 -5.27 -39.75
CA TYR A 504 32.55 -5.54 -40.85
C TYR A 504 31.45 -6.49 -40.40
N LEU A 505 30.35 -6.50 -41.14
CA LEU A 505 29.35 -7.55 -41.04
C LEU A 505 28.94 -7.93 -42.46
N GLN A 506 29.23 -9.17 -42.84
CA GLN A 506 29.03 -9.64 -44.20
C GLN A 506 27.64 -10.24 -44.34
N MET A 507 26.89 -9.80 -45.35
CA MET A 507 25.59 -10.35 -45.66
C MET A 507 25.57 -10.84 -47.10
N ASN A 508 24.99 -12.01 -47.31
CA ASN A 508 24.80 -12.57 -48.63
C ASN A 508 23.47 -13.33 -48.65
N SER A 509 22.90 -13.44 -49.84
CA SER A 509 21.59 -14.07 -50.04
C SER A 509 20.57 -13.50 -49.05
N LEU A 510 20.36 -12.19 -49.15
CA LEU A 510 19.50 -11.48 -48.21
C LEU A 510 18.04 -11.87 -48.41
N LYS A 511 17.36 -12.18 -47.31
CA LYS A 511 15.93 -12.45 -47.36
C LYS A 511 15.16 -11.13 -47.52
N PRO A 512 13.96 -11.20 -48.11
CA PRO A 512 13.14 -9.97 -48.22
C PRO A 512 12.76 -9.39 -46.88
N GLU A 513 12.80 -10.17 -45.80
CA GLU A 513 12.52 -9.67 -44.46
C GLU A 513 13.64 -8.78 -43.93
N ASP A 514 14.77 -8.73 -44.62
CA ASP A 514 15.97 -8.09 -44.10
C ASP A 514 16.05 -6.60 -44.43
N THR A 515 14.91 -5.94 -44.67
CA THR A 515 14.88 -4.50 -44.89
C THR A 515 14.79 -3.81 -43.55
N ALA A 516 15.81 -3.03 -43.20
CA ALA A 516 15.86 -2.36 -41.90
C ALA A 516 16.94 -1.28 -41.95
N MET A 517 17.17 -0.65 -40.80
CA MET A 517 18.28 0.28 -40.61
C MET A 517 19.19 -0.34 -39.55
N TYR A 518 20.46 -0.49 -39.89
CA TYR A 518 21.42 -1.21 -39.07
C TYR A 518 22.33 -0.26 -38.29
N TYR A 519 22.52 -0.56 -37.02
CA TYR A 519 23.32 0.24 -36.09
C TYR A 519 24.53 -0.54 -35.61
N CYS A 520 25.69 0.11 -35.62
CA CYS A 520 26.91 -0.44 -35.04
C CYS A 520 27.08 0.11 -33.63
N ALA A 521 27.18 -0.78 -32.65
CA ALA A 521 27.21 -0.35 -31.25
C ALA A 521 28.42 -0.94 -30.54
N SER A 522 28.87 -0.25 -29.49
CA SER A 522 30.09 -0.61 -28.80
C SER A 522 29.89 -0.48 -27.29
N ARG A 523 30.85 -1.02 -26.55
CA ARG A 523 30.88 -0.93 -25.09
C ARG A 523 32.34 -1.04 -24.66
N THR A 524 32.67 -0.41 -23.53
CA THR A 524 34.05 -0.28 -23.09
C THR A 524 34.35 -1.13 -21.85
N ARG A 525 33.57 -0.98 -20.78
CA ARG A 525 33.85 -1.67 -19.54
C ARG A 525 33.34 -3.11 -19.56
N ALA A 526 33.87 -3.92 -18.66
CA ALA A 526 33.71 -5.37 -18.67
C ALA A 526 32.65 -5.86 -17.69
N GLY A 527 31.84 -4.98 -17.12
CA GLY A 527 30.92 -5.39 -16.09
C GLY A 527 29.60 -5.96 -16.56
N VAL A 528 29.60 -6.76 -17.61
CA VAL A 528 28.38 -7.37 -18.13
C VAL A 528 28.77 -8.57 -19.00
N THR A 529 27.80 -9.44 -19.25
CA THR A 529 27.99 -10.56 -20.15
C THR A 529 27.61 -10.15 -21.57
N CYS A 530 28.39 -10.60 -22.55
CA CYS A 530 28.12 -10.28 -23.95
C CYS A 530 26.83 -10.95 -24.40
N GLY A 531 26.07 -10.23 -25.22
CA GLY A 531 24.82 -10.78 -25.75
C GLY A 531 24.13 -9.77 -26.62
N LEU A 532 23.03 -10.22 -27.22
CA LEU A 532 22.22 -9.38 -28.12
C LEU A 532 21.21 -8.55 -27.36
N ASN A 533 21.68 -7.77 -26.39
CA ASN A 533 20.84 -6.88 -25.61
C ASN A 533 21.23 -5.44 -25.93
N TRP A 534 20.25 -4.63 -26.32
CA TRP A 534 20.50 -3.25 -26.69
C TRP A 534 20.78 -2.35 -25.50
N ALA A 535 20.49 -2.80 -24.28
CA ALA A 535 20.60 -1.95 -23.11
C ALA A 535 21.99 -1.94 -22.48
N ILE A 536 22.89 -2.80 -22.94
CA ILE A 536 24.22 -2.85 -22.35
C ILE A 536 25.22 -1.97 -23.10
N PHE A 537 24.97 -1.69 -24.37
CA PHE A 537 25.93 -0.95 -25.18
C PHE A 537 25.96 0.52 -24.77
N SER A 538 27.15 1.11 -24.86
CA SER A 538 27.38 2.47 -24.41
C SER A 538 27.38 3.48 -25.55
N TYR A 539 27.95 3.13 -26.70
CA TYR A 539 28.03 4.01 -27.85
C TYR A 539 27.23 3.44 -29.01
N TRP A 540 26.41 4.28 -29.63
CA TRP A 540 25.58 3.87 -30.76
C TRP A 540 25.94 4.70 -31.98
N GLY A 541 25.90 4.07 -33.15
CA GLY A 541 26.17 4.76 -34.38
C GLY A 541 24.91 5.32 -35.02
N GLN A 542 25.10 6.16 -36.04
CA GLN A 542 23.98 6.72 -36.76
C GLN A 542 23.26 5.68 -37.62
N GLY A 543 23.86 4.51 -37.80
CA GLY A 543 23.25 3.45 -38.60
C GLY A 543 23.13 3.80 -40.06
N THR A 544 22.66 2.84 -40.86
CA THR A 544 22.44 3.06 -42.29
C THR A 544 21.23 2.24 -42.70
N GLN A 545 20.88 2.32 -43.98
CA GLN A 545 19.69 1.66 -44.52
C GLN A 545 20.11 0.50 -45.41
N VAL A 546 19.42 -0.63 -45.27
CA VAL A 546 19.58 -1.72 -46.23
C VAL A 546 18.20 -2.17 -46.70
N THR A 547 17.86 -1.82 -47.93
CA THR A 547 16.55 -2.11 -48.53
C THR A 547 16.74 -3.27 -49.51
N VAL A 548 16.30 -4.46 -49.11
CA VAL A 548 16.40 -5.65 -49.94
C VAL A 548 15.10 -5.79 -50.74
N SER A 549 15.21 -5.62 -52.05
CA SER A 549 14.12 -5.88 -52.99
C SER A 549 14.57 -6.96 -53.94
N SER A 550 13.73 -7.98 -54.13
CA SER A 550 14.07 -9.15 -54.95
C SER A 550 15.32 -9.83 -54.39
N ALA B 22 3.71 27.16 -24.47
CA ALA B 22 3.55 27.44 -25.90
C ALA B 22 3.24 26.15 -26.65
N ALA B 23 3.50 25.01 -26.01
CA ALA B 23 3.21 23.72 -26.60
C ALA B 23 1.71 23.51 -26.69
N PRO B 24 1.26 22.63 -27.59
CA PRO B 24 -0.19 22.35 -27.69
C PRO B 24 -0.78 21.77 -26.42
N CYS B 25 0.03 21.26 -25.50
CA CYS B 25 -0.47 20.69 -24.26
C CYS B 25 -0.66 21.79 -23.22
N SER B 26 -1.07 21.38 -22.02
CA SER B 26 -1.43 22.31 -20.96
C SER B 26 -0.17 22.79 -20.23
N CYS B 27 -0.36 23.50 -19.12
CA CYS B 27 0.74 24.01 -18.32
C CYS B 27 0.25 24.14 -16.88
N ASP B 28 1.09 24.72 -16.02
CA ASP B 28 0.72 24.93 -14.63
C ASP B 28 1.54 26.08 -14.06
N GLY B 29 0.97 26.75 -13.06
CA GLY B 29 1.65 27.90 -12.47
C GLY B 29 2.89 27.50 -11.68
N ASP B 30 2.82 26.37 -10.95
CA ASP B 30 3.91 25.96 -10.07
C ASP B 30 4.96 25.13 -10.80
N ARG B 31 5.44 25.64 -11.93
CA ARG B 31 6.55 25.05 -12.68
C ARG B 31 6.32 23.57 -12.98
N ARG B 32 5.13 23.28 -13.50
CA ARG B 32 4.75 21.93 -13.88
C ARG B 32 4.18 21.95 -15.29
N VAL B 33 4.52 20.94 -16.08
CA VAL B 33 4.02 20.81 -17.45
C VAL B 33 3.38 19.44 -17.60
N ASP B 34 2.17 19.41 -18.16
CA ASP B 34 1.46 18.18 -18.45
C ASP B 34 1.15 18.12 -19.93
N CYS B 35 1.48 16.99 -20.57
CA CYS B 35 1.20 16.79 -21.98
C CYS B 35 0.69 15.36 -22.24
N SER B 36 -0.07 14.81 -21.30
CA SER B 36 -0.58 13.46 -21.46
C SER B 36 -1.63 13.39 -22.56
N GLY B 37 -1.62 12.29 -23.31
CA GLY B 37 -2.67 12.00 -24.27
C GLY B 37 -2.79 12.98 -25.42
N LYS B 38 -1.71 13.69 -25.75
CA LYS B 38 -1.74 14.64 -26.85
C LYS B 38 -1.21 14.07 -28.16
N GLY B 39 -0.85 12.79 -28.18
CA GLY B 39 -0.39 12.17 -29.41
C GLY B 39 0.97 12.61 -29.89
N LEU B 40 1.82 13.08 -28.97
CA LEU B 40 3.16 13.53 -29.36
C LEU B 40 4.03 12.34 -29.74
N THR B 41 4.92 12.57 -30.71
CA THR B 41 5.88 11.56 -31.13
C THR B 41 7.27 11.80 -30.58
N ALA B 42 7.59 13.04 -30.21
CA ALA B 42 8.87 13.39 -29.62
C ALA B 42 8.61 14.27 -28.40
N VAL B 43 9.67 14.47 -27.60
CA VAL B 43 9.53 15.32 -26.42
C VAL B 43 9.13 16.73 -26.86
N PRO B 44 8.25 17.41 -26.14
CA PRO B 44 7.78 18.72 -26.61
C PRO B 44 8.86 19.78 -26.46
N GLU B 45 8.95 20.63 -27.48
CA GLU B 45 9.95 21.69 -27.54
C GLU B 45 9.34 23.05 -27.21
N GLY B 46 10.20 24.00 -26.89
CA GLY B 46 9.77 25.34 -26.58
C GLY B 46 9.33 25.57 -25.15
N LEU B 47 9.35 24.55 -24.31
CA LEU B 47 8.93 24.69 -22.93
C LEU B 47 9.96 25.50 -22.13
N SER B 48 9.54 25.96 -20.96
CA SER B 48 10.41 26.76 -20.12
C SER B 48 11.59 25.94 -19.64
N ALA B 49 12.77 26.57 -19.59
CA ALA B 49 13.96 25.89 -19.11
C ALA B 49 13.82 25.47 -17.64
N PHE B 50 13.08 26.25 -16.86
CA PHE B 50 12.90 25.95 -15.44
C PHE B 50 11.58 25.17 -15.34
N THR B 51 11.68 23.86 -15.57
CA THR B 51 10.56 22.94 -15.45
C THR B 51 10.88 21.91 -14.40
N GLN B 52 9.99 21.77 -13.40
CA GLN B 52 10.23 20.85 -12.30
C GLN B 52 9.51 19.51 -12.47
N ALA B 53 8.42 19.46 -13.22
CA ALA B 53 7.70 18.22 -13.47
C ALA B 53 7.24 18.19 -14.91
N LEU B 54 7.29 17.01 -15.52
CA LEU B 54 6.90 16.84 -16.91
C LEU B 54 6.15 15.52 -17.07
N ASP B 55 5.06 15.56 -17.82
CA ASP B 55 4.23 14.38 -18.05
C ASP B 55 4.06 14.19 -19.54
N ILE B 56 4.50 13.04 -20.05
CA ILE B 56 4.42 12.72 -21.48
C ILE B 56 3.81 11.34 -21.59
N SER B 57 3.07 10.93 -20.56
CA SER B 57 2.70 9.53 -20.38
C SER B 57 2.05 8.92 -21.62
N MET B 58 0.86 9.40 -21.99
CA MET B 58 0.01 8.68 -22.93
C MET B 58 0.18 9.16 -24.37
N ASN B 59 1.40 9.47 -24.78
CA ASN B 59 1.71 9.77 -26.17
C ASN B 59 2.39 8.57 -26.81
N ASN B 60 2.51 8.61 -28.14
CA ASN B 60 3.11 7.52 -28.91
C ASN B 60 4.54 7.91 -29.30
N ILE B 61 5.48 7.62 -28.41
CA ILE B 61 6.90 7.86 -28.64
C ILE B 61 7.62 6.52 -28.63
N THR B 62 8.40 6.25 -29.68
CA THR B 62 9.09 4.97 -29.80
C THR B 62 10.53 5.00 -29.29
N GLN B 63 11.19 6.16 -29.27
CA GLN B 63 12.58 6.21 -28.85
C GLN B 63 12.87 7.59 -28.27
N LEU B 64 13.88 7.63 -27.41
CA LEU B 64 14.39 8.88 -26.87
C LEU B 64 15.78 9.15 -27.44
N PRO B 65 15.94 10.18 -28.28
CA PRO B 65 17.25 10.44 -28.89
C PRO B 65 18.32 10.83 -27.87
N GLU B 66 19.53 11.08 -28.36
CA GLU B 66 20.65 11.41 -27.47
C GLU B 66 20.38 12.71 -26.71
N ASP B 67 19.90 13.73 -27.40
CA ASP B 67 19.76 15.08 -26.85
C ASP B 67 18.33 15.37 -26.43
N ALA B 68 17.62 14.37 -25.91
CA ALA B 68 16.19 14.53 -25.64
C ALA B 68 15.93 15.57 -24.56
N PHE B 69 16.63 15.47 -23.43
CA PHE B 69 16.31 16.26 -22.25
C PHE B 69 17.42 17.25 -21.89
N LYS B 70 18.06 17.85 -22.90
CA LYS B 70 19.02 18.90 -22.61
C LYS B 70 18.36 20.22 -22.22
N ASN B 71 17.11 20.43 -22.61
CA ASN B 71 16.42 21.68 -22.36
C ASN B 71 15.75 21.73 -21.00
N PHE B 72 15.84 20.67 -20.21
CA PHE B 72 15.19 20.59 -18.90
C PHE B 72 16.21 20.16 -17.85
N PRO B 73 17.23 20.99 -17.58
CA PRO B 73 18.23 20.60 -16.58
C PRO B 73 17.68 20.48 -15.17
N PHE B 74 16.54 21.11 -14.89
CA PHE B 74 15.99 21.18 -13.55
C PHE B 74 14.82 20.24 -13.33
N LEU B 75 14.70 19.18 -14.14
CA LEU B 75 13.62 18.23 -13.97
C LEU B 75 13.73 17.53 -12.61
N GLU B 76 12.58 17.25 -12.02
CA GLU B 76 12.54 16.53 -10.75
C GLU B 76 11.62 15.33 -10.86
N GLU B 77 10.61 15.41 -11.73
CA GLU B 77 9.70 14.30 -11.96
C GLU B 77 9.50 14.14 -13.46
N LEU B 78 9.67 12.91 -13.96
CA LEU B 78 9.49 12.61 -15.37
C LEU B 78 8.60 11.38 -15.49
N GLN B 79 7.56 11.49 -16.31
CA GLN B 79 6.59 10.41 -16.49
C GLN B 79 6.54 10.02 -17.95
N LEU B 80 6.64 8.71 -18.22
CA LEU B 80 6.54 8.20 -19.57
C LEU B 80 5.67 6.94 -19.66
N ALA B 81 4.77 6.74 -18.70
CA ALA B 81 3.96 5.53 -18.65
C ALA B 81 3.06 5.42 -19.88
N GLY B 82 3.10 4.27 -20.54
CA GLY B 82 2.24 4.03 -21.68
C GLY B 82 2.66 4.70 -22.97
N ASN B 83 3.94 5.05 -23.10
CA ASN B 83 4.42 5.72 -24.31
C ASN B 83 4.71 4.75 -25.46
N ASP B 84 4.62 3.44 -25.23
CA ASP B 84 5.07 2.45 -26.21
C ASP B 84 6.55 2.66 -26.53
N LEU B 85 7.32 3.00 -25.51
CA LEU B 85 8.75 3.27 -25.68
C LEU B 85 9.52 1.96 -25.74
N SER B 86 10.37 1.82 -26.76
CA SER B 86 11.12 0.60 -26.96
C SER B 86 12.62 0.81 -27.09
N PHE B 87 13.11 2.05 -27.02
CA PHE B 87 14.53 2.31 -27.06
C PHE B 87 14.82 3.59 -26.29
N ILE B 88 15.90 3.56 -25.51
CA ILE B 88 16.39 4.73 -24.79
C ILE B 88 17.87 4.86 -25.08
N HIS B 89 18.26 5.98 -25.69
CA HIS B 89 19.68 6.22 -25.92
C HIS B 89 20.38 6.36 -24.58
N PRO B 90 21.59 5.80 -24.43
CA PRO B 90 22.28 5.89 -23.13
C PRO B 90 22.55 7.33 -22.69
N LYS B 91 22.67 8.26 -23.63
CA LYS B 91 22.88 9.66 -23.30
C LYS B 91 21.59 10.46 -23.22
N ALA B 92 20.44 9.82 -23.40
CA ALA B 92 19.16 10.53 -23.39
C ALA B 92 18.90 11.19 -22.04
N LEU B 93 19.13 10.46 -20.96
CA LEU B 93 18.86 10.97 -19.63
C LEU B 93 20.07 11.68 -19.01
N SER B 94 21.17 11.81 -19.75
CA SER B 94 22.32 12.53 -19.23
C SER B 94 21.98 13.99 -19.01
N GLY B 95 22.53 14.56 -17.93
CA GLY B 95 22.25 15.93 -17.56
C GLY B 95 21.12 16.10 -16.58
N LEU B 96 20.31 15.05 -16.34
CA LEU B 96 19.21 15.13 -15.39
C LEU B 96 19.68 14.70 -13.99
N LYS B 97 20.67 15.43 -13.49
CA LYS B 97 21.25 15.12 -12.19
C LYS B 97 20.24 15.31 -11.07
N GLU B 98 19.26 16.19 -11.27
CA GLU B 98 18.28 16.52 -10.24
C GLU B 98 17.05 15.62 -10.28
N LEU B 99 16.97 14.71 -11.26
CA LEU B 99 15.79 13.85 -11.39
C LEU B 99 15.58 13.02 -10.13
N LYS B 100 14.32 12.88 -9.73
CA LYS B 100 13.98 12.19 -8.49
C LYS B 100 12.95 11.10 -8.73
N VAL B 101 12.05 11.31 -9.68
CA VAL B 101 10.99 10.34 -9.99
C VAL B 101 11.03 10.06 -11.49
N LEU B 102 11.00 8.77 -11.84
CA LEU B 102 11.02 8.36 -13.24
C LEU B 102 10.12 7.14 -13.38
N THR B 103 9.12 7.24 -14.25
CA THR B 103 8.17 6.18 -14.48
C THR B 103 8.22 5.75 -15.94
N LEU B 104 8.25 4.43 -16.16
CA LEU B 104 8.33 3.88 -17.51
C LEU B 104 7.42 2.67 -17.70
N GLN B 105 6.34 2.56 -16.93
CA GLN B 105 5.49 1.38 -17.00
C GLN B 105 4.68 1.36 -18.29
N ASN B 106 4.26 0.16 -18.67
CA ASN B 106 3.41 -0.11 -19.83
C ASN B 106 4.11 0.15 -21.16
N ASN B 107 5.43 0.36 -21.15
CA ASN B 107 6.18 0.48 -22.38
C ASN B 107 6.61 -0.91 -22.86
N GLN B 108 7.41 -0.95 -23.93
CA GLN B 108 7.89 -2.19 -24.51
C GLN B 108 9.40 -2.36 -24.32
N LEU B 109 9.91 -1.91 -23.17
CA LEU B 109 11.31 -2.12 -22.84
C LEU B 109 11.52 -3.59 -22.50
N LYS B 110 12.11 -4.34 -23.43
CA LYS B 110 12.31 -5.77 -23.21
C LYS B 110 13.32 -6.07 -22.12
N THR B 111 14.14 -5.10 -21.73
CA THR B 111 15.14 -5.28 -20.69
C THR B 111 15.25 -4.00 -19.87
N VAL B 112 15.84 -4.12 -18.69
CA VAL B 112 16.08 -2.95 -17.85
C VAL B 112 17.10 -2.05 -18.54
N PRO B 113 16.85 -0.74 -18.64
CA PRO B 113 17.83 0.16 -19.28
C PRO B 113 19.05 0.40 -18.42
N SER B 114 20.01 -0.53 -18.47
CA SER B 114 21.19 -0.44 -17.59
C SER B 114 21.98 0.85 -17.85
N GLU B 115 22.44 1.04 -19.08
CA GLU B 115 23.31 2.16 -19.38
C GLU B 115 22.59 3.50 -19.24
N ALA B 116 21.32 3.54 -19.65
CA ALA B 116 20.61 4.81 -19.75
C ALA B 116 20.46 5.49 -18.39
N ILE B 117 20.15 4.72 -17.34
CA ILE B 117 19.75 5.31 -16.08
C ILE B 117 20.88 5.49 -15.09
N ARG B 118 22.10 5.03 -15.41
CA ARG B 118 23.18 5.06 -14.43
C ARG B 118 23.59 6.48 -14.05
N GLY B 119 23.31 7.47 -14.90
CA GLY B 119 23.70 8.82 -14.60
C GLY B 119 22.79 9.56 -13.63
N LEU B 120 21.71 8.91 -13.19
CA LEU B 120 20.71 9.56 -12.33
C LEU B 120 21.11 9.35 -10.87
N SER B 121 22.01 10.22 -10.40
CA SER B 121 22.50 10.10 -9.03
C SER B 121 21.39 10.32 -8.01
N ALA B 122 20.52 11.31 -8.26
CA ALA B 122 19.50 11.70 -7.31
C ALA B 122 18.19 10.93 -7.48
N LEU B 123 18.14 9.93 -8.37
CA LEU B 123 16.91 9.17 -8.56
C LEU B 123 16.48 8.52 -7.26
N GLN B 124 15.16 8.56 -7.00
CA GLN B 124 14.61 8.04 -5.76
C GLN B 124 13.50 7.03 -6.02
N SER B 125 12.78 7.20 -7.12
CA SER B 125 11.69 6.31 -7.49
C SER B 125 11.84 5.91 -8.94
N LEU B 126 11.80 4.60 -9.21
CA LEU B 126 11.94 4.07 -10.56
C LEU B 126 10.85 3.04 -10.79
N ARG B 127 9.97 3.31 -11.75
CA ARG B 127 8.89 2.39 -12.10
C ARG B 127 9.23 1.74 -13.43
N LEU B 128 9.25 0.41 -13.45
CA LEU B 128 9.51 -0.35 -14.66
C LEU B 128 8.51 -1.50 -14.85
N ASP B 129 7.44 -1.52 -14.08
CA ASP B 129 6.46 -2.59 -14.17
C ASP B 129 5.70 -2.51 -15.50
N ALA B 130 4.82 -3.49 -15.72
CA ALA B 130 3.96 -3.59 -16.89
C ALA B 130 4.75 -3.72 -18.20
N ASN B 131 6.06 -3.92 -18.12
CA ASN B 131 6.88 -4.12 -19.31
C ASN B 131 7.00 -5.61 -19.61
N HIS B 132 7.75 -5.93 -20.67
CA HIS B 132 8.06 -7.31 -21.04
C HIS B 132 9.50 -7.68 -20.69
N ILE B 133 9.98 -7.19 -19.56
CA ILE B 133 11.37 -7.43 -19.16
C ILE B 133 11.60 -8.92 -18.95
N THR B 134 12.66 -9.44 -19.56
CA THR B 134 13.04 -10.83 -19.41
C THR B 134 14.46 -11.02 -18.90
N SER B 135 15.36 -10.06 -19.14
CA SER B 135 16.74 -10.14 -18.69
C SER B 135 17.14 -8.84 -18.02
N VAL B 136 17.97 -8.96 -16.99
CA VAL B 136 18.51 -7.82 -16.27
C VAL B 136 20.04 -7.88 -16.33
N PRO B 137 20.70 -6.92 -16.98
CA PRO B 137 22.17 -6.94 -17.03
C PRO B 137 22.77 -6.88 -15.63
N GLU B 138 23.97 -7.44 -15.50
CA GLU B 138 24.62 -7.54 -14.19
C GLU B 138 24.90 -6.16 -13.61
N ASP B 139 25.33 -5.22 -14.45
CA ASP B 139 25.69 -3.88 -14.01
C ASP B 139 24.51 -2.92 -13.93
N SER B 140 23.28 -3.41 -14.01
CA SER B 140 22.13 -2.54 -13.93
C SER B 140 22.01 -1.91 -12.55
N PHE B 141 21.43 -0.71 -12.50
CA PHE B 141 21.17 0.08 -11.31
C PHE B 141 22.45 0.54 -10.63
N GLU B 142 23.61 0.30 -11.20
CA GLU B 142 24.86 0.74 -10.59
C GLU B 142 24.93 2.26 -10.59
N GLY B 143 25.33 2.82 -9.45
CA GLY B 143 25.42 4.26 -9.30
C GLY B 143 24.16 4.92 -8.78
N LEU B 144 23.06 4.19 -8.66
CA LEU B 144 21.80 4.73 -8.14
C LEU B 144 21.85 4.71 -6.61
N VAL B 145 22.64 5.64 -6.06
CA VAL B 145 22.87 5.68 -4.62
C VAL B 145 21.60 6.04 -3.88
N GLN B 146 20.80 6.95 -4.45
CA GLN B 146 19.63 7.49 -3.76
C GLN B 146 18.34 6.72 -4.04
N LEU B 147 18.40 5.62 -4.77
CA LEU B 147 17.17 4.90 -5.09
C LEU B 147 16.51 4.36 -3.83
N ARG B 148 15.19 4.52 -3.76
CA ARG B 148 14.41 4.09 -2.61
C ARG B 148 13.17 3.27 -2.95
N HIS B 149 12.69 3.32 -4.19
CA HIS B 149 11.51 2.56 -4.60
C HIS B 149 11.74 2.00 -5.99
N LEU B 150 11.30 0.76 -6.22
CA LEU B 150 11.57 0.08 -7.48
C LEU B 150 10.40 -0.84 -7.81
N TRP B 151 9.83 -0.67 -9.00
CA TRP B 151 8.76 -1.53 -9.50
C TRP B 151 9.28 -2.43 -10.61
N LEU B 152 8.95 -3.73 -10.52
CA LEU B 152 9.27 -4.69 -11.57
C LEU B 152 8.12 -5.67 -11.78
N ASP B 153 6.88 -5.22 -11.60
CA ASP B 153 5.73 -6.10 -11.70
C ASP B 153 5.33 -6.35 -13.15
N ASP B 154 4.54 -7.41 -13.34
CA ASP B 154 3.93 -7.73 -14.64
C ASP B 154 5.00 -7.85 -15.72
N ASN B 155 6.13 -8.45 -15.37
CA ASN B 155 7.20 -8.73 -16.31
C ASN B 155 7.36 -10.25 -16.45
N SER B 156 8.23 -10.63 -17.38
CA SER B 156 8.52 -12.04 -17.65
C SER B 156 9.84 -12.48 -17.01
N LEU B 157 10.19 -11.92 -15.86
CA LEU B 157 11.42 -12.31 -15.17
C LEU B 157 11.35 -13.77 -14.75
N THR B 158 12.49 -14.45 -14.85
CA THR B 158 12.57 -15.86 -14.49
C THR B 158 13.34 -16.13 -13.21
N GLU B 159 14.14 -15.19 -12.74
CA GLU B 159 14.88 -15.36 -11.49
C GLU B 159 15.15 -14.00 -10.88
N VAL B 160 15.42 -14.02 -9.57
CA VAL B 160 15.68 -12.77 -8.84
C VAL B 160 17.01 -12.18 -9.32
N PRO B 161 17.06 -10.89 -9.66
CA PRO B 161 18.33 -10.28 -10.04
C PRO B 161 19.20 -9.95 -8.83
N VAL B 162 19.95 -10.95 -8.34
CA VAL B 162 20.68 -10.80 -7.10
C VAL B 162 21.73 -9.71 -7.22
N HIS B 163 22.67 -9.86 -8.16
CA HIS B 163 23.74 -8.88 -8.31
C HIS B 163 23.23 -7.49 -8.69
N PRO B 164 22.28 -7.32 -9.62
CA PRO B 164 21.75 -5.96 -9.85
C PRO B 164 21.16 -5.32 -8.60
N LEU B 165 20.49 -6.11 -7.76
CA LEU B 165 19.95 -5.57 -6.51
C LEU B 165 21.04 -5.31 -5.48
N SER B 166 22.19 -5.98 -5.61
CA SER B 166 23.28 -5.79 -4.65
C SER B 166 23.76 -4.34 -4.61
N ASN B 167 23.53 -3.59 -5.68
CA ASN B 167 23.98 -2.20 -5.78
C ASN B 167 22.98 -1.20 -5.22
N LEU B 168 21.97 -1.65 -4.48
CA LEU B 168 20.94 -0.77 -3.94
C LEU B 168 20.77 -0.98 -2.43
N PRO B 169 21.77 -0.60 -1.63
CA PRO B 169 21.63 -0.74 -0.17
C PRO B 169 20.55 0.15 0.42
N THR B 170 20.16 1.23 -0.25
CA THR B 170 19.22 2.20 0.30
C THR B 170 17.78 1.93 -0.12
N LEU B 171 17.51 0.81 -0.76
CA LEU B 171 16.16 0.53 -1.23
C LEU B 171 15.20 0.36 -0.06
N GLN B 172 13.98 0.89 -0.22
CA GLN B 172 12.97 0.85 0.82
C GLN B 172 11.72 0.08 0.42
N ALA B 173 11.47 -0.12 -0.86
CA ALA B 173 10.27 -0.83 -1.31
C ALA B 173 10.57 -1.49 -2.64
N LEU B 174 10.54 -2.82 -2.65
CA LEU B 174 10.78 -3.61 -3.85
C LEU B 174 9.61 -4.55 -4.09
N THR B 175 9.17 -4.64 -5.33
CA THR B 175 8.06 -5.50 -5.70
C THR B 175 8.39 -6.25 -6.98
N LEU B 176 8.16 -7.56 -6.99
CA LEU B 176 8.46 -8.43 -8.11
C LEU B 176 7.28 -9.33 -8.42
N ALA B 177 6.07 -8.77 -8.35
CA ALA B 177 4.85 -9.55 -8.53
C ALA B 177 4.60 -9.83 -10.01
N LEU B 178 3.73 -10.82 -10.26
CA LEU B 178 3.26 -11.20 -11.58
C LEU B 178 4.37 -11.69 -12.51
N ASN B 179 5.54 -12.02 -11.96
CA ASN B 179 6.62 -12.56 -12.76
C ASN B 179 6.53 -14.08 -12.78
N LYS B 180 7.57 -14.74 -13.29
CA LYS B 180 7.65 -16.19 -13.36
C LYS B 180 8.81 -16.70 -12.50
N ILE B 181 8.98 -16.12 -11.31
CA ILE B 181 10.03 -16.56 -10.41
C ILE B 181 9.74 -17.98 -9.95
N SER B 182 10.76 -18.83 -9.98
CA SER B 182 10.62 -20.24 -9.60
C SER B 182 11.26 -20.56 -8.26
N SER B 183 12.41 -19.97 -7.95
CA SER B 183 13.08 -20.22 -6.68
C SER B 183 13.95 -19.02 -6.32
N ILE B 184 14.15 -18.82 -5.03
CA ILE B 184 14.93 -17.72 -4.50
C ILE B 184 16.21 -18.29 -3.89
N PRO B 185 17.39 -17.93 -4.40
CA PRO B 185 18.62 -18.48 -3.86
C PRO B 185 18.98 -17.85 -2.51
N ASP B 186 20.00 -18.43 -1.88
CA ASP B 186 20.48 -17.92 -0.60
C ASP B 186 21.08 -16.53 -0.77
N PHE B 187 20.88 -15.69 0.26
CA PHE B 187 21.46 -14.36 0.33
C PHE B 187 21.04 -13.50 -0.87
N ALA B 188 19.80 -13.70 -1.32
CA ALA B 188 19.31 -12.94 -2.47
C ALA B 188 19.21 -11.45 -2.16
N PHE B 189 18.73 -11.11 -0.98
CA PHE B 189 18.51 -9.73 -0.57
C PHE B 189 19.40 -9.37 0.62
N THR B 190 20.64 -9.87 0.61
CA THR B 190 21.52 -9.70 1.77
C THR B 190 21.90 -8.25 1.99
N ASN B 191 22.11 -7.48 0.92
CA ASN B 191 22.57 -6.10 1.04
C ASN B 191 21.44 -5.09 1.16
N LEU B 192 20.18 -5.52 1.08
CA LEU B 192 19.04 -4.61 1.17
C LEU B 192 18.54 -4.51 2.60
N SER B 193 19.46 -4.07 3.48
CA SER B 193 19.14 -3.98 4.91
C SER B 193 18.10 -2.91 5.21
N SER B 194 17.90 -1.94 4.31
CA SER B 194 16.95 -0.86 4.53
C SER B 194 15.58 -1.16 3.94
N LEU B 195 15.39 -2.32 3.32
CA LEU B 195 14.11 -2.65 2.71
C LEU B 195 13.05 -2.88 3.79
N VAL B 196 11.86 -2.32 3.57
CA VAL B 196 10.75 -2.47 4.52
C VAL B 196 9.49 -3.01 3.88
N VAL B 197 9.45 -3.15 2.55
CA VAL B 197 8.29 -3.72 1.87
C VAL B 197 8.80 -4.62 0.76
N LEU B 198 8.21 -5.81 0.65
CA LEU B 198 8.64 -6.79 -0.34
C LEU B 198 7.41 -7.55 -0.83
N HIS B 199 7.17 -7.50 -2.14
CA HIS B 199 6.04 -8.17 -2.76
C HIS B 199 6.56 -9.26 -3.70
N LEU B 200 6.04 -10.48 -3.54
CA LEU B 200 6.42 -11.59 -4.39
C LEU B 200 5.22 -12.44 -4.80
N HIS B 201 4.03 -11.87 -4.83
CA HIS B 201 2.84 -12.67 -5.09
C HIS B 201 2.66 -12.89 -6.60
N ASN B 202 1.78 -13.84 -6.92
CA ASN B 202 1.43 -14.24 -8.29
C ASN B 202 2.62 -14.80 -9.07
N ASN B 203 3.71 -15.17 -8.39
CA ASN B 203 4.81 -15.86 -9.03
C ASN B 203 4.56 -17.37 -9.00
N LYS B 204 5.46 -18.12 -9.62
CA LYS B 204 5.43 -19.58 -9.59
C LYS B 204 6.44 -20.16 -8.61
N ILE B 205 6.69 -19.46 -7.51
CA ILE B 205 7.71 -19.88 -6.56
C ILE B 205 7.32 -21.20 -5.93
N ARG B 206 8.26 -22.15 -5.93
CA ARG B 206 8.05 -23.48 -5.37
C ARG B 206 8.88 -23.75 -4.13
N SER B 207 10.11 -23.25 -4.06
CA SER B 207 11.00 -23.51 -2.94
C SER B 207 11.70 -22.23 -2.52
N LEU B 208 11.85 -22.07 -1.20
CA LEU B 208 12.63 -20.98 -0.62
C LEU B 208 13.82 -21.58 0.10
N SER B 209 15.02 -21.07 -0.20
CA SER B 209 16.22 -21.57 0.45
C SER B 209 16.24 -21.14 1.91
N GLN B 210 17.19 -21.70 2.66
CA GLN B 210 17.23 -21.48 4.10
C GLN B 210 17.49 -20.02 4.44
N HIS B 211 18.42 -19.37 3.72
CA HIS B 211 18.85 -18.01 4.03
C HIS B 211 18.51 -17.03 2.91
N CYS B 212 17.39 -17.26 2.21
CA CYS B 212 17.03 -16.37 1.11
C CYS B 212 16.74 -14.96 1.60
N PHE B 213 16.04 -14.81 2.73
CA PHE B 213 15.70 -13.51 3.28
C PHE B 213 16.74 -13.00 4.25
N ASP B 214 17.98 -13.48 4.19
CA ASP B 214 19.01 -13.02 5.11
C ASP B 214 19.29 -11.53 4.91
N GLY B 215 19.47 -10.82 6.01
CA GLY B 215 19.77 -9.40 5.97
C GLY B 215 18.58 -8.49 5.88
N LEU B 216 17.37 -9.02 5.77
CA LEU B 216 16.15 -8.20 5.71
C LEU B 216 15.63 -7.94 7.12
N ASP B 217 16.49 -7.32 7.93
CA ASP B 217 16.15 -7.06 9.33
C ASP B 217 15.16 -5.92 9.50
N ASN B 218 14.90 -5.13 8.46
CA ASN B 218 13.98 -4.01 8.54
C ASN B 218 12.69 -4.25 7.76
N LEU B 219 12.50 -5.44 7.21
CA LEU B 219 11.30 -5.72 6.43
C LEU B 219 10.07 -5.71 7.33
N GLU B 220 9.00 -5.09 6.83
CA GLU B 220 7.75 -4.97 7.58
C GLU B 220 6.58 -5.69 6.95
N THR B 221 6.54 -5.81 5.63
CA THR B 221 5.49 -6.53 4.94
C THR B 221 6.12 -7.49 3.94
N LEU B 222 5.66 -8.73 3.94
CA LEU B 222 6.14 -9.75 3.00
C LEU B 222 4.93 -10.43 2.39
N ASP B 223 4.83 -10.39 1.06
CA ASP B 223 3.70 -10.94 0.34
C ASP B 223 4.16 -12.14 -0.47
N LEU B 224 3.51 -13.29 -0.27
CA LEU B 224 3.84 -14.52 -0.96
C LEU B 224 2.59 -15.23 -1.46
N ASN B 225 1.54 -14.47 -1.75
CA ASN B 225 0.27 -15.05 -2.16
C ASN B 225 0.39 -15.65 -3.57
N TYR B 226 -0.53 -16.57 -3.87
CA TYR B 226 -0.73 -17.14 -5.20
C TYR B 226 0.47 -17.91 -5.71
N ASN B 227 1.44 -18.22 -4.84
CA ASN B 227 2.58 -19.02 -5.24
C ASN B 227 2.24 -20.50 -5.11
N ASN B 228 3.24 -21.35 -5.35
CA ASN B 228 3.06 -22.80 -5.31
C ASN B 228 3.93 -23.44 -4.24
N LEU B 229 3.94 -22.84 -3.04
CA LEU B 229 4.72 -23.39 -1.94
C LEU B 229 4.11 -24.69 -1.47
N GLY B 230 4.95 -25.72 -1.37
CA GLY B 230 4.49 -27.02 -0.90
C GLY B 230 4.73 -27.25 0.57
N GLU B 231 5.67 -26.51 1.14
CA GLU B 231 6.00 -26.60 2.55
C GLU B 231 6.20 -25.19 3.10
N PHE B 232 5.96 -25.04 4.40
CA PHE B 232 6.03 -23.74 5.01
C PHE B 232 7.45 -23.18 4.91
N PRO B 233 7.61 -21.91 4.57
CA PRO B 233 8.96 -21.34 4.43
C PRO B 233 9.68 -21.14 5.77
N GLN B 234 10.77 -21.87 5.97
CA GLN B 234 11.54 -21.76 7.20
C GLN B 234 12.39 -20.49 7.25
N ALA B 235 12.47 -19.73 6.16
CA ALA B 235 13.38 -18.59 6.11
C ALA B 235 12.85 -17.40 6.91
N ILE B 236 11.53 -17.30 7.07
CA ILE B 236 10.93 -16.16 7.75
C ILE B 236 11.36 -16.04 9.20
N LYS B 237 12.06 -17.06 9.73
CA LYS B 237 12.63 -16.96 11.07
C LYS B 237 13.76 -15.94 11.13
N ALA B 238 14.25 -15.45 10.00
CA ALA B 238 15.30 -14.45 9.96
C ALA B 238 14.77 -13.03 9.90
N LEU B 239 13.45 -12.85 9.98
CA LEU B 239 12.84 -11.52 9.89
C LEU B 239 12.39 -11.09 11.28
N PRO B 240 13.07 -10.16 11.93
CA PRO B 240 12.68 -9.75 13.28
C PRO B 240 11.70 -8.59 13.37
N SER B 241 11.39 -7.94 12.25
CA SER B 241 10.51 -6.76 12.26
C SER B 241 9.27 -6.95 11.40
N LEU B 242 8.87 -8.19 11.12
CA LEU B 242 7.69 -8.42 10.31
C LEU B 242 6.43 -7.93 11.03
N LYS B 243 5.50 -7.37 10.25
CA LYS B 243 4.24 -6.89 10.80
C LYS B 243 3.06 -7.45 10.02
N GLU B 244 3.26 -7.74 8.74
CA GLU B 244 2.22 -8.30 7.90
C GLU B 244 2.80 -9.43 7.07
N LEU B 245 2.12 -10.56 7.04
CA LEU B 245 2.57 -11.73 6.29
C LEU B 245 1.37 -12.38 5.62
N GLY B 246 1.55 -12.79 4.37
CA GLY B 246 0.49 -13.45 3.64
C GLY B 246 0.99 -14.52 2.69
N PHE B 247 0.47 -15.74 2.84
CA PHE B 247 0.84 -16.85 1.97
C PHE B 247 -0.39 -17.65 1.58
N HIS B 248 -1.49 -16.97 1.29
CA HIS B 248 -2.70 -17.67 0.88
C HIS B 248 -2.63 -18.02 -0.61
N SER B 249 -3.59 -18.83 -1.05
CA SER B 249 -3.67 -19.38 -2.40
C SER B 249 -2.49 -20.27 -2.74
N ASN B 250 -1.72 -20.71 -1.75
CA ASN B 250 -0.59 -21.60 -1.96
C ASN B 250 -1.03 -23.04 -1.81
N SER B 251 -0.05 -23.96 -1.74
CA SER B 251 -0.30 -25.36 -1.48
C SER B 251 0.25 -25.82 -0.14
N ILE B 252 0.46 -24.88 0.80
CA ILE B 252 0.99 -25.23 2.10
C ILE B 252 -0.02 -26.10 2.85
N SER B 253 0.48 -27.13 3.52
CA SER B 253 -0.38 -28.07 4.23
C SER B 253 -0.12 -28.16 5.72
N VAL B 254 1.04 -27.72 6.20
CA VAL B 254 1.39 -27.85 7.61
C VAL B 254 2.09 -26.58 8.08
N ILE B 255 1.77 -26.16 9.30
CA ILE B 255 2.53 -25.14 10.00
C ILE B 255 3.09 -25.83 11.24
N PRO B 256 4.32 -26.37 11.17
CA PRO B 256 4.69 -27.46 12.09
C PRO B 256 4.61 -27.12 13.56
N ASP B 257 5.41 -26.17 14.01
CA ASP B 257 5.38 -25.70 15.39
C ASP B 257 6.30 -24.51 15.55
N GLY B 258 5.85 -23.46 16.24
CA GLY B 258 6.68 -22.30 16.44
C GLY B 258 7.19 -21.69 15.15
N ALA B 259 6.39 -21.74 14.09
CA ALA B 259 6.82 -21.22 12.80
C ALA B 259 7.10 -19.73 12.87
N PHE B 260 6.25 -18.98 13.57
CA PHE B 260 6.41 -17.54 13.73
C PHE B 260 7.21 -17.18 14.99
N ASP B 261 8.13 -18.06 15.40
CA ASP B 261 8.91 -17.80 16.61
C ASP B 261 9.78 -16.56 16.47
N GLY B 262 10.23 -16.26 15.25
CA GLY B 262 11.12 -15.14 15.05
C GLY B 262 10.43 -13.87 14.62
N ASN B 263 9.11 -13.81 14.77
CA ASN B 263 8.32 -12.65 14.35
C ASN B 263 7.38 -12.23 15.48
N PRO B 264 7.91 -11.68 16.57
CA PRO B 264 7.05 -11.25 17.67
C PRO B 264 6.08 -10.14 17.29
N LEU B 265 6.39 -9.33 16.29
CA LEU B 265 5.61 -8.13 15.97
C LEU B 265 4.54 -8.38 14.91
N LEU B 266 4.30 -9.64 14.54
CA LEU B 266 3.29 -9.94 13.53
C LEU B 266 1.92 -9.45 13.98
N ARG B 267 1.17 -8.90 13.03
CA ARG B 267 -0.17 -8.37 13.28
C ARG B 267 -1.24 -9.02 12.43
N THR B 268 -0.95 -9.27 11.15
CA THR B 268 -1.93 -9.83 10.22
C THR B 268 -1.31 -11.00 9.48
N ILE B 269 -2.02 -12.13 9.45
CA ILE B 269 -1.58 -13.32 8.73
C ILE B 269 -2.70 -13.76 7.79
N HIS B 270 -2.36 -13.98 6.53
CA HIS B 270 -3.30 -14.42 5.51
C HIS B 270 -2.95 -15.85 5.13
N LEU B 271 -3.76 -16.81 5.61
CA LEU B 271 -3.51 -18.23 5.39
C LEU B 271 -4.82 -18.99 5.13
N TYR B 272 -5.84 -18.29 4.66
CA TYR B 272 -7.20 -18.82 4.65
C TYR B 272 -7.58 -19.51 3.35
N ASP B 273 -6.64 -19.67 2.42
CA ASP B 273 -6.89 -20.44 1.19
C ASP B 273 -5.69 -21.36 0.96
N ASN B 274 -5.74 -22.54 1.59
CA ASN B 274 -4.65 -23.50 1.50
C ASN B 274 -5.22 -24.89 1.80
N PRO B 275 -4.54 -25.95 1.37
CA PRO B 275 -4.89 -27.32 1.80
C PRO B 275 -4.41 -27.63 3.21
N LEU B 276 -4.69 -26.73 4.16
CA LEU B 276 -4.26 -26.91 5.53
C LEU B 276 -4.87 -28.18 6.11
N SER B 277 -4.03 -28.97 6.78
CA SER B 277 -4.50 -30.23 7.35
C SER B 277 -4.13 -30.32 8.82
N PHE B 278 -2.99 -29.74 9.21
CA PHE B 278 -2.55 -29.82 10.61
C PHE B 278 -1.66 -28.61 10.90
N VAL B 279 -2.22 -27.64 11.63
CA VAL B 279 -1.44 -26.55 12.19
C VAL B 279 -0.99 -26.94 13.59
N GLY B 280 0.25 -26.59 13.93
CA GLY B 280 0.81 -26.94 15.23
C GLY B 280 -0.05 -26.54 16.41
N ASN B 281 0.05 -27.29 17.50
CA ASN B 281 -0.69 -26.94 18.70
C ASN B 281 -0.28 -25.56 19.21
N SER B 282 1.02 -25.28 19.23
CA SER B 282 1.54 -23.98 19.63
C SER B 282 2.08 -23.20 18.44
N ALA B 283 1.46 -23.36 17.26
CA ALA B 283 1.90 -22.63 16.08
C ALA B 283 1.72 -21.14 16.27
N PHE B 284 0.52 -20.72 16.70
CA PHE B 284 0.25 -19.33 17.04
C PHE B 284 0.40 -19.19 18.54
N HIS B 285 1.54 -18.66 18.96
CA HIS B 285 1.93 -18.71 20.38
C HIS B 285 2.93 -17.58 20.62
N ASN B 286 2.63 -16.74 21.61
CA ASN B 286 3.43 -15.59 22.04
C ASN B 286 3.33 -14.45 21.03
N LEU B 287 2.38 -14.51 20.10
CA LEU B 287 2.16 -13.42 19.13
C LEU B 287 1.27 -12.38 19.80
N SER B 288 1.89 -11.46 20.52
CA SER B 288 1.15 -10.50 21.34
C SER B 288 0.42 -9.44 20.54
N ASP B 289 0.66 -9.33 19.23
CA ASP B 289 0.07 -8.28 18.42
C ASP B 289 -0.80 -8.81 17.28
N LEU B 290 -1.07 -10.10 17.25
CA LEU B 290 -1.93 -10.66 16.21
C LEU B 290 -3.36 -10.17 16.38
N HIS B 291 -4.02 -9.86 15.26
CA HIS B 291 -5.38 -9.32 15.28
C HIS B 291 -6.42 -10.36 14.87
N SER B 292 -6.26 -10.95 13.68
CA SER B 292 -7.25 -11.88 13.14
C SER B 292 -6.61 -13.25 12.96
N LEU B 293 -7.30 -14.29 13.40
CA LEU B 293 -6.84 -15.67 13.27
C LEU B 293 -7.96 -16.48 12.64
N VAL B 294 -7.80 -16.85 11.38
CA VAL B 294 -8.81 -17.61 10.63
C VAL B 294 -8.16 -18.88 10.11
N ILE B 295 -8.67 -20.02 10.53
CA ILE B 295 -8.20 -21.32 10.07
C ILE B 295 -9.41 -22.13 9.62
N ARG B 296 -9.36 -22.63 8.38
CA ARG B 296 -10.47 -23.35 7.79
C ARG B 296 -9.97 -24.66 7.20
N GLY B 297 -10.64 -25.75 7.54
CA GLY B 297 -10.34 -27.05 6.95
C GLY B 297 -9.17 -27.80 7.56
N ALA B 298 -8.67 -27.38 8.72
CA ALA B 298 -7.58 -28.08 9.39
C ALA B 298 -8.14 -29.29 10.13
N SER B 299 -8.36 -30.35 9.35
CA SER B 299 -9.10 -31.52 9.86
C SER B 299 -8.36 -32.20 11.00
N MET B 300 -7.05 -32.42 10.85
CA MET B 300 -6.34 -33.24 11.82
C MET B 300 -6.21 -32.58 13.19
N VAL B 301 -6.53 -31.29 13.32
CA VAL B 301 -6.39 -30.61 14.61
C VAL B 301 -7.33 -31.23 15.63
N GLN B 302 -6.79 -31.53 16.82
CA GLN B 302 -7.57 -32.15 17.88
C GLN B 302 -7.77 -31.21 19.06
N GLN B 303 -6.68 -30.67 19.62
CA GLN B 303 -6.80 -29.77 20.75
C GLN B 303 -7.03 -28.33 20.29
N PHE B 304 -7.39 -27.48 21.23
CA PHE B 304 -7.47 -26.06 20.94
C PHE B 304 -6.07 -25.47 20.79
N PRO B 305 -5.90 -24.49 19.90
CA PRO B 305 -4.60 -23.85 19.75
C PRO B 305 -4.12 -23.25 21.07
N ASN B 306 -2.88 -23.56 21.44
CA ASN B 306 -2.27 -23.07 22.67
C ASN B 306 -1.77 -21.64 22.43
N LEU B 307 -2.73 -20.73 22.29
CA LEU B 307 -2.44 -19.34 21.93
C LEU B 307 -2.29 -18.46 23.18
N THR B 308 -1.43 -18.93 24.09
CA THR B 308 -1.08 -18.12 25.25
C THR B 308 -0.19 -16.96 24.83
N GLY B 309 -0.30 -15.86 25.55
CA GLY B 309 0.41 -14.64 25.19
C GLY B 309 -0.36 -13.74 24.24
N THR B 310 -0.95 -14.33 23.21
CA THR B 310 -1.82 -13.59 22.30
C THR B 310 -3.09 -13.16 23.02
N VAL B 311 -3.20 -11.86 23.31
CA VAL B 311 -4.36 -11.35 24.06
C VAL B 311 -4.95 -10.15 23.33
N HIS B 312 -4.70 -10.04 22.03
CA HIS B 312 -5.17 -8.90 21.25
C HIS B 312 -6.04 -9.35 20.08
N LEU B 313 -6.68 -10.50 20.21
CA LEU B 313 -7.52 -11.04 19.13
C LEU B 313 -8.86 -10.33 19.09
N GLU B 314 -9.34 -10.06 17.87
CA GLU B 314 -10.69 -9.59 17.64
C GLU B 314 -11.57 -10.61 16.93
N SER B 315 -10.98 -11.50 16.13
CA SER B 315 -11.72 -12.54 15.45
C SER B 315 -10.97 -13.86 15.59
N LEU B 316 -11.69 -14.91 15.95
CA LEU B 316 -11.12 -16.25 16.10
C LEU B 316 -12.06 -17.24 15.42
N THR B 317 -11.61 -17.84 14.32
CA THR B 317 -12.46 -18.73 13.52
C THR B 317 -11.73 -20.04 13.31
N LEU B 318 -12.30 -21.12 13.84
CA LEU B 318 -11.79 -22.47 13.63
C LEU B 318 -12.92 -23.34 13.12
N THR B 319 -12.77 -23.90 11.92
CA THR B 319 -13.81 -24.68 11.29
C THR B 319 -13.21 -25.93 10.66
N GLY B 320 -14.03 -26.97 10.55
CA GLY B 320 -13.63 -28.18 9.87
C GLY B 320 -12.65 -29.06 10.62
N THR B 321 -12.46 -28.83 11.92
CA THR B 321 -11.48 -29.56 12.70
C THR B 321 -12.17 -30.65 13.52
N LYS B 322 -11.40 -31.31 14.38
CA LYS B 322 -11.91 -32.32 15.31
C LYS B 322 -11.82 -31.85 16.75
N ILE B 323 -11.89 -30.53 16.98
CA ILE B 323 -11.82 -30.00 18.34
C ILE B 323 -12.98 -30.54 19.15
N SER B 324 -12.67 -31.19 20.28
CA SER B 324 -13.68 -31.82 21.11
C SER B 324 -14.07 -31.01 22.33
N SER B 325 -13.39 -29.90 22.60
CA SER B 325 -13.69 -29.13 23.80
C SER B 325 -13.09 -27.74 23.65
N ILE B 326 -13.67 -26.79 24.39
CA ILE B 326 -13.19 -25.41 24.43
C ILE B 326 -12.58 -25.19 25.81
N PRO B 327 -11.44 -24.50 25.93
CA PRO B 327 -10.86 -24.27 27.25
C PRO B 327 -11.61 -23.19 28.01
N ASN B 328 -11.73 -23.40 29.33
CA ASN B 328 -12.48 -22.48 30.17
C ASN B 328 -11.87 -21.08 30.18
N ASN B 329 -10.55 -20.99 29.98
CA ASN B 329 -9.83 -19.73 30.06
C ASN B 329 -9.87 -18.92 28.77
N LEU B 330 -10.86 -19.16 27.90
CA LEU B 330 -10.82 -18.60 26.55
C LEU B 330 -10.84 -17.07 26.56
N CYS B 331 -11.94 -16.45 27.00
CA CYS B 331 -12.01 -15.00 26.93
C CYS B 331 -11.77 -14.30 28.26
N GLN B 332 -11.59 -15.05 29.36
CA GLN B 332 -10.96 -14.43 30.52
C GLN B 332 -9.53 -14.05 30.19
N GLU B 333 -8.96 -14.63 29.14
CA GLU B 333 -7.68 -14.20 28.56
C GLU B 333 -7.90 -13.27 27.38
N GLN B 334 -8.74 -13.68 26.41
CA GLN B 334 -9.05 -12.87 25.25
C GLN B 334 -10.22 -11.92 25.58
N LYS B 335 -9.89 -10.86 26.32
CA LYS B 335 -10.89 -9.88 26.69
C LYS B 335 -11.28 -8.97 25.53
N MET B 336 -10.49 -8.94 24.45
CA MET B 336 -10.77 -8.11 23.30
C MET B 336 -11.54 -8.85 22.20
N LEU B 337 -11.81 -10.14 22.40
CA LEU B 337 -12.44 -10.95 21.36
C LEU B 337 -13.83 -10.41 21.01
N ARG B 338 -14.10 -10.30 19.71
CA ARG B 338 -15.36 -9.80 19.21
C ARG B 338 -16.15 -10.87 18.45
N THR B 339 -15.53 -11.54 17.49
CA THR B 339 -16.18 -12.58 16.70
C THR B 339 -15.55 -13.92 17.02
N LEU B 340 -16.38 -14.92 17.34
CA LEU B 340 -15.93 -16.26 17.68
C LEU B 340 -16.73 -17.26 16.85
N ASP B 341 -16.12 -17.76 15.78
CA ASP B 341 -16.76 -18.74 14.91
C ASP B 341 -16.12 -20.10 15.17
N LEU B 342 -16.94 -21.07 15.57
CA LEU B 342 -16.48 -22.42 15.86
C LEU B 342 -17.41 -23.44 15.22
N SER B 343 -17.90 -23.14 14.01
CA SER B 343 -18.79 -24.03 13.31
C SER B 343 -18.09 -25.35 12.96
N TYR B 344 -18.88 -26.32 12.55
CA TYR B 344 -18.41 -27.70 12.34
C TYR B 344 -17.76 -28.17 13.63
N ASN B 345 -16.72 -29.00 13.52
CA ASN B 345 -16.00 -29.54 14.68
C ASN B 345 -16.90 -30.42 15.53
N ASN B 346 -16.39 -30.89 16.67
CA ASN B 346 -17.09 -31.81 17.56
C ASN B 346 -17.18 -31.24 18.96
N ILE B 347 -17.51 -29.96 19.09
CA ILE B 347 -17.66 -29.34 20.41
C ILE B 347 -18.89 -29.94 21.09
N ARG B 348 -18.67 -30.67 22.18
CA ARG B 348 -19.77 -31.32 22.89
C ARG B 348 -20.29 -30.49 24.06
N ASP B 349 -19.38 -29.91 24.84
CA ASP B 349 -19.75 -29.10 25.99
C ASP B 349 -19.32 -27.65 25.76
N LEU B 350 -19.94 -26.75 26.50
CA LEU B 350 -19.65 -25.33 26.38
C LEU B 350 -19.16 -24.78 27.71
N PRO B 351 -18.01 -24.10 27.74
CA PRO B 351 -17.57 -23.44 28.97
C PRO B 351 -18.27 -22.09 29.11
N SER B 352 -18.49 -21.69 30.36
CA SER B 352 -19.17 -20.44 30.65
C SER B 352 -18.49 -19.28 29.93
N PHE B 353 -19.28 -18.52 29.17
CA PHE B 353 -18.78 -17.40 28.39
C PHE B 353 -18.74 -16.09 29.17
N ASN B 354 -18.83 -16.14 30.49
CA ASN B 354 -18.63 -14.94 31.29
C ASN B 354 -17.22 -14.40 31.10
N GLY B 355 -17.09 -13.08 31.10
CA GLY B 355 -15.86 -12.42 30.73
C GLY B 355 -15.75 -12.12 29.25
N CYS B 356 -16.69 -12.60 28.44
CA CYS B 356 -16.73 -12.33 27.00
C CYS B 356 -17.52 -11.05 26.74
N HIS B 357 -17.08 -9.96 27.37
CA HIS B 357 -17.83 -8.72 27.31
C HIS B 357 -17.88 -8.12 25.91
N ALA B 358 -16.89 -8.43 25.07
CA ALA B 358 -16.80 -7.84 23.74
C ALA B 358 -17.33 -8.74 22.63
N LEU B 359 -17.87 -9.91 22.97
CA LEU B 359 -18.39 -10.83 21.96
C LEU B 359 -19.65 -10.28 21.30
N GLU B 360 -19.56 -9.99 20.00
CA GLU B 360 -20.71 -9.57 19.22
C GLU B 360 -21.40 -10.73 18.51
N GLU B 361 -20.62 -11.64 17.94
CA GLU B 361 -21.16 -12.77 17.19
C GLU B 361 -20.59 -14.08 17.73
N ILE B 362 -21.48 -15.04 17.98
CA ILE B 362 -21.11 -16.40 18.37
C ILE B 362 -21.71 -17.35 17.36
N SER B 363 -20.87 -18.23 16.80
CA SER B 363 -21.32 -19.24 15.86
C SER B 363 -20.90 -20.61 16.35
N LEU B 364 -21.87 -21.52 16.48
CA LEU B 364 -21.60 -22.88 16.94
C LEU B 364 -22.39 -23.90 16.14
N GLN B 365 -22.71 -23.57 14.89
CA GLN B 365 -23.54 -24.45 14.08
C GLN B 365 -22.79 -25.71 13.69
N ARG B 366 -23.56 -26.81 13.52
CA ARG B 366 -23.05 -28.10 13.07
C ARG B 366 -22.04 -28.67 14.08
N ASN B 367 -22.42 -28.65 15.34
CA ASN B 367 -21.59 -29.16 16.43
C ASN B 367 -22.31 -30.31 17.13
N GLN B 368 -21.67 -30.84 18.17
CA GLN B 368 -22.27 -31.87 19.01
C GLN B 368 -22.81 -31.31 20.32
N ILE B 369 -23.04 -30.00 20.38
CA ILE B 369 -23.62 -29.39 21.58
C ILE B 369 -24.96 -30.04 21.87
N TYR B 370 -25.13 -30.52 23.11
CA TYR B 370 -26.31 -31.31 23.45
C TYR B 370 -27.17 -30.69 24.55
N GLN B 371 -26.77 -29.55 25.12
CA GLN B 371 -27.61 -28.84 26.08
C GLN B 371 -27.02 -27.47 26.33
N ILE B 372 -27.85 -26.56 26.81
CA ILE B 372 -27.44 -25.21 27.20
C ILE B 372 -27.97 -24.98 28.61
N LYS B 373 -27.15 -25.27 29.61
CA LYS B 373 -27.50 -24.93 30.99
C LYS B 373 -27.46 -23.42 31.17
N GLU B 374 -28.24 -22.94 32.15
CA GLU B 374 -28.42 -21.50 32.33
C GLU B 374 -27.12 -20.77 32.63
N GLY B 375 -26.09 -21.48 33.10
CA GLY B 375 -24.81 -20.87 33.36
C GLY B 375 -23.87 -20.79 32.18
N THR B 376 -24.33 -21.15 30.99
CA THR B 376 -23.45 -21.15 29.81
C THR B 376 -23.32 -19.75 29.21
N PHE B 377 -24.43 -19.17 28.78
CA PHE B 377 -24.44 -17.85 28.16
C PHE B 377 -24.67 -16.73 29.17
N GLN B 378 -24.48 -16.99 30.45
CA GLN B 378 -24.67 -15.96 31.46
C GLN B 378 -23.55 -14.93 31.41
N GLY B 379 -23.91 -13.66 31.60
CA GLY B 379 -22.94 -12.60 31.75
C GLY B 379 -22.59 -11.83 30.49
N LEU B 380 -23.02 -12.28 29.32
CA LEU B 380 -22.72 -11.57 28.09
C LEU B 380 -23.64 -10.37 27.93
N ILE B 381 -23.06 -9.22 27.60
CA ILE B 381 -23.81 -7.97 27.46
C ILE B 381 -23.95 -7.56 26.00
N SER B 382 -22.83 -7.35 25.30
CA SER B 382 -22.83 -6.82 23.95
C SER B 382 -23.06 -7.90 22.88
N LEU B 383 -23.64 -9.04 23.24
CA LEU B 383 -23.96 -10.05 22.25
C LEU B 383 -24.94 -9.50 21.23
N ARG B 384 -24.79 -9.94 19.99
CA ARG B 384 -25.67 -9.47 18.92
C ARG B 384 -26.26 -10.60 18.08
N ILE B 385 -25.48 -11.65 17.82
CA ILE B 385 -25.94 -12.78 17.01
C ILE B 385 -25.49 -14.07 17.67
N LEU B 386 -26.39 -15.05 17.72
CA LEU B 386 -26.07 -16.38 18.25
C LEU B 386 -26.55 -17.43 17.25
N ASP B 387 -25.69 -18.38 16.95
CA ASP B 387 -25.98 -19.43 15.97
C ASP B 387 -25.76 -20.78 16.60
N LEU B 388 -26.79 -21.63 16.56
CA LEU B 388 -26.73 -22.98 17.13
C LEU B 388 -27.41 -23.99 16.22
N SER B 389 -27.43 -23.75 14.91
CA SER B 389 -28.11 -24.64 13.99
C SER B 389 -27.37 -25.97 13.88
N ARG B 390 -28.10 -26.99 13.43
CA ARG B 390 -27.59 -28.32 13.13
C ARG B 390 -26.90 -29.00 14.32
N ASN B 391 -27.11 -28.50 15.54
CA ASN B 391 -26.55 -29.15 16.72
C ASN B 391 -27.52 -30.21 17.24
N LEU B 392 -27.22 -30.76 18.41
CA LEU B 392 -28.06 -31.77 19.05
C LEU B 392 -28.57 -31.27 20.40
N ILE B 393 -28.87 -29.97 20.47
CA ILE B 393 -29.36 -29.38 21.72
C ILE B 393 -30.65 -30.08 22.13
N HIS B 394 -30.64 -30.68 23.31
CA HIS B 394 -31.78 -31.44 23.80
C HIS B 394 -32.65 -30.66 24.77
N GLU B 395 -32.09 -29.71 25.51
CA GLU B 395 -32.86 -28.95 26.47
C GLU B 395 -32.19 -27.61 26.73
N ILE B 396 -33.01 -26.61 27.06
CA ILE B 396 -32.55 -25.29 27.47
C ILE B 396 -33.30 -24.92 28.74
N HIS B 397 -32.55 -24.54 29.78
CA HIS B 397 -33.18 -24.08 31.00
C HIS B 397 -33.89 -22.75 30.76
N SER B 398 -34.92 -22.49 31.58
CA SER B 398 -35.79 -21.35 31.34
C SER B 398 -35.01 -20.03 31.32
N ARG B 399 -34.16 -19.81 32.31
CA ARG B 399 -33.44 -18.55 32.43
C ARG B 399 -32.13 -18.52 31.68
N ALA B 400 -31.87 -19.49 30.81
CA ALA B 400 -30.60 -19.52 30.07
C ALA B 400 -30.45 -18.30 29.17
N PHE B 401 -31.54 -17.82 28.58
CA PHE B 401 -31.51 -16.66 27.70
C PHE B 401 -31.80 -15.35 28.42
N ALA B 402 -32.14 -15.40 29.71
CA ALA B 402 -32.53 -14.19 30.42
C ALA B 402 -31.38 -13.21 30.58
N THR B 403 -30.18 -13.72 30.87
CA THR B 403 -29.09 -12.85 31.32
C THR B 403 -28.51 -11.99 30.19
N LEU B 404 -28.58 -12.45 28.95
CA LEU B 404 -27.98 -11.70 27.86
C LEU B 404 -28.79 -10.44 27.55
N GLY B 405 -28.10 -9.44 27.01
CA GLY B 405 -28.71 -8.18 26.69
C GLY B 405 -29.42 -8.21 25.35
N PRO B 406 -29.13 -7.23 24.49
CA PRO B 406 -29.75 -7.21 23.17
C PRO B 406 -29.41 -8.46 22.38
N ILE B 407 -30.38 -8.96 21.61
CA ILE B 407 -30.17 -10.07 20.70
C ILE B 407 -30.92 -9.77 19.41
N THR B 408 -30.26 -9.99 18.27
CA THR B 408 -30.87 -9.76 16.97
C THR B 408 -31.11 -11.04 16.18
N ASN B 409 -30.25 -12.04 16.31
CA ASN B 409 -30.42 -13.31 15.64
C ASN B 409 -30.20 -14.45 16.63
N LEU B 410 -30.95 -15.53 16.44
CA LEU B 410 -30.81 -16.70 17.30
C LEU B 410 -31.36 -17.90 16.55
N ASP B 411 -30.48 -18.81 16.14
CA ASP B 411 -30.85 -19.97 15.34
C ASP B 411 -30.65 -21.23 16.18
N VAL B 412 -31.71 -22.02 16.33
CA VAL B 412 -31.61 -23.31 17.00
C VAL B 412 -32.25 -24.34 16.08
N SER B 413 -32.10 -24.14 14.77
CA SER B 413 -32.71 -25.03 13.80
C SER B 413 -32.07 -26.42 13.85
N PHE B 414 -32.92 -27.45 13.73
CA PHE B 414 -32.50 -28.85 13.60
C PHE B 414 -31.89 -29.39 14.89
N ASN B 415 -32.56 -29.16 16.02
CA ASN B 415 -32.19 -29.75 17.30
C ASN B 415 -33.39 -30.45 17.92
N GLU B 416 -33.15 -31.11 19.05
CA GLU B 416 -34.20 -31.82 19.78
C GLU B 416 -34.71 -31.00 20.96
N LEU B 417 -35.36 -29.88 20.68
CA LEU B 417 -35.90 -29.01 21.72
C LEU B 417 -37.35 -29.39 21.99
N THR B 418 -37.60 -30.03 23.13
CA THR B 418 -38.98 -30.23 23.57
C THR B 418 -39.64 -28.90 23.91
N SER B 419 -38.93 -28.00 24.59
CA SER B 419 -39.46 -26.71 25.00
C SER B 419 -38.42 -25.63 24.73
N PHE B 420 -38.91 -24.41 24.53
CA PHE B 420 -38.04 -23.26 24.24
C PHE B 420 -38.47 -22.09 25.11
N PRO B 421 -37.61 -21.60 26.01
CA PRO B 421 -38.01 -20.50 26.89
C PRO B 421 -38.16 -19.20 26.12
N THR B 422 -38.99 -18.31 26.68
CA THR B 422 -39.25 -17.01 26.09
C THR B 422 -38.65 -15.85 26.87
N GLU B 423 -38.36 -16.03 28.16
CA GLU B 423 -37.83 -14.95 28.97
C GLU B 423 -36.49 -14.45 28.44
N GLY B 424 -36.37 -13.13 28.34
CA GLY B 424 -35.15 -12.49 27.88
C GLY B 424 -35.01 -12.36 26.39
N LEU B 425 -36.00 -12.76 25.60
CA LEU B 425 -35.96 -12.59 24.15
C LEU B 425 -36.99 -11.59 23.65
N ASN B 426 -37.39 -10.63 24.49
CA ASN B 426 -38.31 -9.60 24.02
C ASN B 426 -37.67 -8.69 22.99
N GLY B 427 -36.35 -8.51 23.06
CA GLY B 427 -35.60 -7.75 22.08
C GLY B 427 -35.23 -8.51 20.84
N LEU B 428 -35.65 -9.77 20.74
CA LEU B 428 -35.29 -10.60 19.59
C LEU B 428 -35.90 -10.05 18.31
N ASN B 429 -35.15 -10.13 17.21
CA ASN B 429 -35.60 -9.65 15.92
C ASN B 429 -35.85 -10.78 14.93
N GLN B 430 -34.85 -11.64 14.69
CA GLN B 430 -34.97 -12.74 13.74
C GLN B 430 -34.72 -14.05 14.46
N LEU B 431 -35.67 -14.99 14.33
CA LEU B 431 -35.63 -16.23 15.07
C LEU B 431 -35.85 -17.38 14.08
N LYS B 432 -35.13 -18.49 14.27
CA LYS B 432 -35.18 -19.60 13.32
C LYS B 432 -35.11 -20.92 14.10
N LEU B 433 -36.23 -21.64 14.13
CA LEU B 433 -36.33 -22.96 14.78
C LEU B 433 -36.58 -24.08 13.78
N VAL B 434 -36.30 -23.87 12.49
CA VAL B 434 -36.65 -24.83 11.45
C VAL B 434 -36.19 -26.23 11.81
N GLY B 435 -37.09 -27.20 11.67
CA GLY B 435 -36.74 -28.59 11.90
C GLY B 435 -36.70 -29.03 13.35
N ASN B 436 -37.15 -28.19 14.28
CA ASN B 436 -37.13 -28.54 15.70
C ASN B 436 -38.33 -29.41 16.06
N PHE B 437 -38.54 -30.50 15.33
CA PHE B 437 -39.68 -31.37 15.59
C PHE B 437 -39.64 -31.88 17.03
N LYS B 438 -40.84 -32.21 17.54
CA LYS B 438 -41.16 -32.53 18.93
C LYS B 438 -41.29 -31.26 19.77
N LEU B 439 -41.10 -30.08 19.19
CA LEU B 439 -41.35 -28.82 19.88
C LEU B 439 -42.84 -28.47 19.72
N LYS B 440 -43.66 -29.18 20.50
CA LYS B 440 -45.10 -29.12 20.30
C LYS B 440 -45.70 -27.83 20.86
N GLU B 441 -45.48 -27.57 22.15
CA GLU B 441 -46.10 -26.41 22.79
C GLU B 441 -45.63 -25.11 22.13
N ALA B 442 -46.57 -24.21 21.89
CA ALA B 442 -46.37 -23.08 21.00
C ALA B 442 -45.86 -21.84 21.75
N LEU B 443 -45.39 -20.88 20.97
CA LEU B 443 -44.89 -19.60 21.48
C LEU B 443 -46.06 -18.64 21.67
N ALA B 444 -45.74 -17.37 21.90
CA ALA B 444 -46.76 -16.35 22.07
C ALA B 444 -46.17 -14.99 21.73
N ALA B 445 -47.03 -14.10 21.23
CA ALA B 445 -46.60 -12.77 20.80
C ALA B 445 -46.45 -11.79 21.96
N LYS B 446 -46.94 -12.13 23.15
CA LYS B 446 -46.86 -11.19 24.27
C LYS B 446 -45.43 -11.01 24.76
N ASP B 447 -44.59 -12.04 24.63
CA ASP B 447 -43.18 -11.93 24.98
C ASP B 447 -42.34 -11.60 23.75
N PHE B 448 -42.49 -12.39 22.68
CA PHE B 448 -41.84 -12.11 21.40
C PHE B 448 -42.61 -10.99 20.72
N VAL B 449 -42.11 -9.76 20.84
CA VAL B 449 -42.83 -8.58 20.39
C VAL B 449 -42.17 -7.93 19.18
N ASN B 450 -40.85 -8.01 19.07
CA ASN B 450 -40.11 -7.33 18.02
C ASN B 450 -39.82 -8.21 16.82
N LEU B 451 -40.32 -9.45 16.81
CA LEU B 451 -39.99 -10.36 15.72
C LEU B 451 -40.74 -10.00 14.45
N ARG B 452 -40.06 -10.06 13.31
CA ARG B 452 -40.72 -10.04 12.02
C ARG B 452 -39.99 -11.04 11.11
N SER B 453 -39.40 -12.07 11.72
CA SER B 453 -38.75 -13.13 10.97
C SER B 453 -38.74 -14.37 11.85
N LEU B 454 -39.54 -15.37 11.49
CA LEU B 454 -39.68 -16.55 12.31
C LEU B 454 -40.12 -17.72 11.46
N SER B 455 -39.47 -18.86 11.67
CA SER B 455 -39.83 -20.11 10.99
C SER B 455 -39.80 -21.23 12.01
N VAL B 456 -40.87 -22.01 12.07
CA VAL B 456 -41.11 -22.92 13.19
C VAL B 456 -41.38 -24.32 12.65
N PRO B 457 -41.02 -25.39 13.37
CA PRO B 457 -41.45 -26.73 12.98
C PRO B 457 -42.94 -26.94 13.23
N TYR B 458 -43.41 -28.17 13.10
CA TYR B 458 -44.86 -28.46 13.13
C TYR B 458 -45.49 -27.64 11.99
N ALA B 459 -46.73 -27.21 12.15
CA ALA B 459 -47.39 -26.43 11.12
C ALA B 459 -48.30 -25.41 11.78
N TYR B 460 -48.57 -24.34 11.05
CA TYR B 460 -49.40 -23.21 11.49
C TYR B 460 -49.16 -22.83 12.95
N GLN B 461 -47.88 -22.80 13.37
CA GLN B 461 -47.50 -22.22 14.64
C GLN B 461 -47.51 -20.70 14.60
N CYS B 462 -47.66 -20.10 13.42
CA CYS B 462 -47.60 -18.66 13.24
C CYS B 462 -48.99 -18.03 13.14
N CYS B 463 -50.05 -18.78 13.45
CA CYS B 463 -51.39 -18.21 13.42
C CYS B 463 -51.57 -17.12 14.46
N ALA B 464 -50.77 -17.13 15.53
CA ALA B 464 -50.81 -16.07 16.52
C ALA B 464 -50.10 -14.81 16.01
N PHE B 465 -49.05 -14.97 15.22
CA PHE B 465 -48.31 -13.83 14.69
C PHE B 465 -48.90 -13.39 13.35
N SER C 48 13.17 26.63 28.53
CA SER C 48 12.36 26.22 27.38
C SER C 48 12.65 27.10 26.16
N ASP C 49 12.33 26.57 24.98
CA ASP C 49 12.65 27.27 23.75
C ASP C 49 11.71 28.48 23.64
N PRO C 50 12.24 29.69 23.46
CA PRO C 50 11.37 30.88 23.46
C PRO C 50 10.29 30.87 22.38
N ARG C 51 10.58 30.29 21.21
CA ARG C 51 9.59 30.22 20.14
C ARG C 51 8.35 29.45 20.53
N ARG C 52 8.42 28.62 21.58
CA ARG C 52 7.27 27.84 22.02
C ARG C 52 6.11 28.76 22.40
N CYS C 53 4.90 28.21 22.44
CA CYS C 53 3.71 29.01 22.72
C CYS C 53 3.73 29.51 24.16
N MET C 54 3.75 30.82 24.34
CA MET C 54 3.72 31.42 25.66
C MET C 54 2.65 32.50 25.73
N ARG C 55 2.10 32.68 26.93
CA ARG C 55 1.09 33.69 27.17
C ARG C 55 1.76 35.04 27.40
N HIS C 56 1.63 35.94 26.43
CA HIS C 56 2.11 37.30 26.55
C HIS C 56 1.02 38.19 27.12
N HIS C 57 1.36 39.44 27.42
CA HIS C 57 0.42 40.41 27.96
C HIS C 57 0.49 41.66 27.11
N TYR C 58 -0.64 42.08 26.55
CA TYR C 58 -0.66 43.33 25.79
C TYR C 58 -1.82 44.19 26.27
N VAL C 59 -1.59 45.49 26.29
CA VAL C 59 -2.47 46.44 26.94
C VAL C 59 -3.06 47.36 25.90
N ASP C 60 -4.39 47.50 25.92
CA ASP C 60 -5.08 48.39 24.99
C ASP C 60 -6.21 49.10 25.72
N SER C 61 -7.08 49.72 24.94
CA SER C 61 -8.19 50.50 25.47
C SER C 61 -9.45 50.20 24.67
N ILE C 62 -10.61 50.43 25.28
CA ILE C 62 -11.90 50.10 24.70
C ILE C 62 -12.80 51.33 24.74
N SER C 63 -13.57 51.52 23.67
CA SER C 63 -14.52 52.60 23.55
C SER C 63 -15.41 52.35 22.34
N HIS C 64 -16.66 52.78 22.43
CA HIS C 64 -17.61 52.65 21.32
C HIS C 64 -18.19 54.02 20.98
N PRO C 65 -18.19 54.40 19.70
CA PRO C 65 -18.67 55.74 19.34
C PRO C 65 -20.16 55.95 19.52
N LEU C 66 -20.95 54.88 19.64
CA LEU C 66 -22.40 55.03 19.70
C LEU C 66 -22.81 55.87 20.92
N TYR C 67 -22.27 55.54 22.09
CA TYR C 67 -22.50 56.33 23.30
C TYR C 67 -21.16 56.72 23.87
N LYS C 68 -20.94 58.02 24.06
CA LYS C 68 -19.65 58.53 24.49
C LYS C 68 -19.28 57.99 25.86
N CYS C 69 -18.03 57.53 26.00
CA CYS C 69 -17.54 56.95 27.24
C CYS C 69 -16.14 57.50 27.53
N SER C 70 -15.55 57.04 28.63
CA SER C 70 -14.17 57.36 29.00
C SER C 70 -13.39 56.05 29.05
N SER C 71 -12.40 55.92 28.17
CA SER C 71 -11.75 54.64 27.95
C SER C 71 -10.94 54.21 29.18
N LYS C 72 -10.49 52.97 29.15
CA LYS C 72 -9.79 52.35 30.26
C LYS C 72 -8.58 51.59 29.75
N MET C 73 -7.74 51.16 30.68
CA MET C 73 -6.56 50.37 30.37
C MET C 73 -6.85 48.90 30.68
N VAL C 74 -6.73 48.05 29.66
CA VAL C 74 -7.07 46.63 29.81
C VAL C 74 -5.89 45.78 29.36
N LEU C 75 -5.53 44.80 30.21
CA LEU C 75 -4.41 43.89 29.96
C LEU C 75 -4.95 42.58 29.39
N LEU C 76 -5.13 42.56 28.08
CA LEU C 76 -5.52 41.32 27.41
C LEU C 76 -4.32 40.40 27.29
N ALA C 77 -4.43 39.20 27.84
CA ALA C 77 -3.44 38.17 27.58
C ALA C 77 -3.57 37.67 26.15
N ARG C 78 -2.43 37.31 25.56
CA ARG C 78 -2.39 36.80 24.20
C ARG C 78 -1.65 35.48 24.19
N CYS C 79 -2.03 34.61 23.26
CA CYS C 79 -1.45 33.27 23.19
C CYS C 79 -0.90 33.03 21.80
N GLU C 80 0.41 32.81 21.71
CA GLU C 80 1.03 32.57 20.41
C GLU C 80 2.35 31.83 20.58
N GLY C 81 2.82 31.30 19.47
CA GLY C 81 4.04 30.51 19.45
C GLY C 81 4.02 29.56 18.27
N HIS C 82 4.95 28.61 18.30
CA HIS C 82 5.03 27.55 17.30
C HIS C 82 4.91 26.21 17.99
N CYS C 83 3.92 25.42 17.59
CA CYS C 83 3.79 24.06 18.12
C CYS C 83 4.93 23.20 17.63
N SER C 84 5.47 22.37 18.53
CA SER C 84 6.66 21.59 18.21
C SER C 84 6.37 20.58 17.10
N GLN C 85 5.22 19.92 17.16
CA GLN C 85 4.93 18.85 16.22
C GLN C 85 4.68 19.40 14.82
N ALA C 86 5.13 18.65 13.81
CA ALA C 86 4.98 19.06 12.43
C ALA C 86 3.54 18.92 11.98
N SER C 87 3.20 19.66 10.92
CA SER C 87 1.89 19.60 10.32
C SER C 87 1.90 18.64 9.12
N ARG C 88 0.86 17.80 9.03
CA ARG C 88 0.85 16.73 8.05
C ARG C 88 -0.51 16.64 7.38
N SER C 89 -0.51 16.07 6.17
CA SER C 89 -1.72 15.81 5.42
C SER C 89 -1.45 14.69 4.42
N GLU C 90 -2.24 13.63 4.50
CA GLU C 90 -2.09 12.45 3.66
C GLU C 90 -3.38 12.16 2.90
N PRO C 91 -3.27 11.65 1.68
CA PRO C 91 -4.47 11.18 0.97
C PRO C 91 -4.98 9.87 1.56
N LEU C 92 -6.27 9.62 1.34
CA LEU C 92 -6.91 8.41 1.81
C LEU C 92 -7.45 7.62 0.63
N VAL C 93 -7.15 6.34 0.59
CA VAL C 93 -7.61 5.45 -0.47
C VAL C 93 -8.97 4.88 -0.08
N SER C 94 -9.90 4.90 -1.02
CA SER C 94 -11.24 4.41 -0.79
C SER C 94 -11.67 3.54 -1.96
N PHE C 95 -12.55 2.57 -1.67
CA PHE C 95 -13.09 1.67 -2.69
C PHE C 95 -14.52 2.01 -3.07
N SER C 96 -15.16 2.94 -2.37
CA SER C 96 -16.51 3.36 -2.71
C SER C 96 -16.54 4.13 -4.02
N THR C 97 -17.74 4.25 -4.59
CA THR C 97 -17.90 4.94 -5.87
C THR C 97 -17.48 6.41 -5.77
N VAL C 98 -17.84 7.09 -4.68
CA VAL C 98 -17.54 8.50 -4.51
C VAL C 98 -16.80 8.69 -3.19
N LEU C 99 -15.69 9.42 -3.24
CA LEU C 99 -14.87 9.65 -2.06
C LEU C 99 -15.53 10.65 -1.10
N LYS C 100 -15.27 10.46 0.19
CA LYS C 100 -15.61 11.44 1.21
C LYS C 100 -14.35 11.81 1.97
N GLN C 101 -14.16 13.12 2.21
CA GLN C 101 -13.04 13.63 3.00
C GLN C 101 -11.72 13.10 2.45
N PRO C 102 -11.25 13.65 1.32
CA PRO C 102 -10.09 13.03 0.64
C PRO C 102 -8.84 12.97 1.49
N PHE C 103 -8.59 13.97 2.33
CA PHE C 103 -7.30 14.14 2.97
C PHE C 103 -7.44 14.08 4.48
N ARG C 104 -6.71 13.17 5.11
CA ARG C 104 -6.53 13.22 6.55
C ARG C 104 -5.46 14.26 6.87
N SER C 105 -5.71 15.05 7.91
CA SER C 105 -4.78 16.13 8.21
C SER C 105 -4.63 16.27 9.72
N SER C 106 -3.46 16.77 10.11
CA SER C 106 -3.16 17.06 11.51
C SER C 106 -2.28 18.30 11.55
N CYS C 107 -2.79 19.36 12.16
CA CYS C 107 -2.06 20.62 12.27
C CYS C 107 -2.40 21.23 13.62
N HIS C 108 -1.38 21.34 14.48
CA HIS C 108 -1.56 21.76 15.87
C HIS C 108 -1.26 23.24 16.01
N CYS C 109 -2.18 23.96 16.65
CA CYS C 109 -1.97 25.35 17.03
C CYS C 109 -2.36 25.55 18.49
N CYS C 110 -1.64 26.42 19.18
CA CYS C 110 -1.89 26.64 20.60
C CYS C 110 -3.06 27.61 20.77
N ARG C 111 -4.03 27.20 21.58
CA ARG C 111 -5.23 28.00 21.85
C ARG C 111 -5.57 27.87 23.32
N PRO C 112 -6.28 28.86 23.87
CA PRO C 112 -6.59 28.84 25.31
C PRO C 112 -7.42 27.62 25.70
N GLN C 113 -7.13 27.09 26.89
CA GLN C 113 -7.88 26.00 27.48
C GLN C 113 -8.83 26.47 28.57
N THR C 114 -8.41 27.43 29.38
CA THR C 114 -9.23 28.03 30.42
C THR C 114 -9.24 29.54 30.24
N SER C 115 -10.38 30.15 30.53
CA SER C 115 -10.53 31.59 30.37
C SER C 115 -11.70 32.05 31.22
N LYS C 116 -11.75 33.35 31.48
CA LYS C 116 -12.73 33.91 32.40
C LYS C 116 -13.47 35.07 31.75
N LEU C 117 -14.78 35.15 31.99
CA LEU C 117 -15.61 36.23 31.45
C LEU C 117 -15.43 37.46 32.32
N LYS C 118 -14.30 38.14 32.16
CA LYS C 118 -14.06 39.37 32.90
C LYS C 118 -15.00 40.47 32.43
N ALA C 119 -15.42 41.29 33.38
CA ALA C 119 -16.36 42.38 33.13
C ALA C 119 -15.78 43.69 33.61
N LEU C 120 -15.94 44.73 32.79
CA LEU C 120 -15.39 46.05 33.06
C LEU C 120 -16.56 47.04 33.16
N ARG C 121 -16.65 47.73 34.29
CA ARG C 121 -17.60 48.82 34.43
C ARG C 121 -17.04 50.02 33.68
N LEU C 122 -17.43 50.16 32.41
CA LEU C 122 -16.97 51.26 31.57
C LEU C 122 -17.98 52.39 31.71
N ARG C 123 -17.74 53.27 32.67
CA ARG C 123 -18.65 54.38 32.89
C ARG C 123 -18.59 55.35 31.71
N CYS C 124 -19.73 55.97 31.42
CA CYS C 124 -19.87 56.75 30.20
C CYS C 124 -20.57 58.06 30.52
N SER C 125 -20.34 59.05 29.65
CA SER C 125 -20.98 60.36 29.73
C SER C 125 -20.82 61.01 31.10
N GLY C 127 -25.79 60.42 33.32
CA GLY C 127 -24.66 59.53 33.18
C GLY C 127 -25.04 58.07 33.07
N MET C 128 -25.07 57.57 31.84
CA MET C 128 -25.38 56.18 31.56
C MET C 128 -24.06 55.43 31.42
N ARG C 129 -24.11 54.13 31.18
CA ARG C 129 -22.90 53.32 31.19
C ARG C 129 -23.14 52.02 30.43
N LEU C 130 -22.19 51.11 30.54
CA LEU C 130 -22.32 49.76 30.01
C LEU C 130 -21.40 48.86 30.81
N THR C 131 -21.47 47.55 30.54
CA THR C 131 -20.61 46.57 31.20
C THR C 131 -19.92 45.76 30.09
N ALA C 132 -18.66 46.08 29.84
CA ALA C 132 -17.92 45.36 28.81
C ALA C 132 -17.56 43.96 29.30
N THR C 133 -17.48 43.02 28.37
CA THR C 133 -17.14 41.64 28.69
C THR C 133 -16.03 41.17 27.77
N TYR C 134 -15.04 40.49 28.33
CA TYR C 134 -13.96 39.94 27.53
C TYR C 134 -13.47 38.63 28.14
N ARG C 135 -12.89 37.79 27.29
CA ARG C 135 -12.47 36.44 27.68
C ARG C 135 -10.99 36.48 28.05
N TYR C 136 -10.72 36.73 29.34
CA TYR C 136 -9.37 36.82 29.85
C TYR C 136 -8.72 35.44 29.82
N ILE C 137 -7.61 35.32 29.07
CA ILE C 137 -6.87 34.07 28.88
C ILE C 137 -5.89 33.87 30.03
N LEU C 138 -5.70 32.61 30.45
CA LEU C 138 -4.75 32.35 31.53
C LEU C 138 -3.67 31.35 31.14
N SER C 139 -3.91 30.54 30.11
CA SER C 139 -2.96 29.48 29.79
C SER C 139 -2.97 29.21 28.30
N CYS C 140 -1.92 28.52 27.85
CA CYS C 140 -1.76 28.12 26.47
C CYS C 140 -1.52 26.62 26.39
N HIS C 141 -1.95 26.02 25.28
CA HIS C 141 -1.68 24.62 25.01
C HIS C 141 -1.92 24.38 23.52
N CYS C 142 -1.04 23.59 22.92
CA CYS C 142 -1.25 23.16 21.54
C CYS C 142 -2.48 22.27 21.45
N GLU C 143 -3.20 22.38 20.35
CA GLU C 143 -4.41 21.59 20.17
C GLU C 143 -4.61 21.36 18.68
N GLU C 144 -5.16 20.19 18.36
CA GLU C 144 -5.51 19.87 16.98
C GLU C 144 -6.54 20.84 16.47
N CYS C 145 -6.32 21.35 15.25
CA CYS C 145 -7.15 22.42 14.71
C CYS C 145 -8.59 21.99 14.50
N ASN C 146 -8.80 20.89 13.77
CA ASN C 146 -10.14 20.52 13.37
C ASN C 146 -11.02 20.19 14.57
N SER C 147 -10.47 19.49 15.56
CA SER C 147 -11.22 19.14 16.76
C SER C 147 -11.03 20.20 17.84
N ASP D 49 16.17 22.62 3.13
CA ASP D 49 15.52 23.13 4.32
C ASP D 49 14.39 22.19 4.76
N PRO D 50 14.70 21.26 5.66
CA PRO D 50 13.68 20.31 6.13
C PRO D 50 12.52 20.96 6.85
N ARG D 51 12.71 22.16 7.43
CA ARG D 51 11.65 22.82 8.16
C ARG D 51 10.57 23.40 7.25
N ARG D 52 10.83 23.52 5.96
CA ARG D 52 9.91 24.15 5.03
C ARG D 52 8.79 23.19 4.65
N CYS D 53 7.64 23.77 4.30
CA CYS D 53 6.49 23.04 3.78
C CYS D 53 6.81 22.43 2.42
N MET D 54 7.06 21.11 2.40
CA MET D 54 7.45 20.34 1.21
C MET D 54 6.48 19.20 0.97
N ARG D 55 6.75 18.46 -0.11
CA ARG D 55 6.05 17.25 -0.49
C ARG D 55 7.00 16.07 -0.38
N HIS D 56 6.55 14.99 0.26
CA HIS D 56 7.35 13.80 0.49
C HIS D 56 6.69 12.61 -0.18
N HIS D 57 7.46 11.86 -0.96
CA HIS D 57 6.94 10.68 -1.65
C HIS D 57 7.09 9.45 -0.76
N TYR D 58 6.02 8.68 -0.60
CA TYR D 58 6.07 7.46 0.17
C TYR D 58 5.23 6.38 -0.49
N VAL D 59 5.63 5.13 -0.29
CA VAL D 59 5.02 3.99 -0.97
C VAL D 59 4.15 3.23 0.03
N ASP D 60 2.95 2.86 -0.41
CA ASP D 60 2.01 2.15 0.44
C ASP D 60 1.44 0.95 -0.31
N SER D 61 1.06 -0.07 0.43
CA SER D 61 0.43 -1.26 -0.15
C SER D 61 -1.07 -1.18 0.07
N ILE D 62 -1.83 -1.32 -1.03
CA ILE D 62 -3.28 -1.23 -1.01
C ILE D 62 -3.84 -2.62 -1.26
N SER D 63 -4.78 -3.02 -0.40
CA SER D 63 -5.48 -4.29 -0.56
C SER D 63 -6.90 -4.11 -0.07
N HIS D 64 -7.85 -4.71 -0.79
CA HIS D 64 -9.24 -4.59 -0.38
C HIS D 64 -9.43 -5.22 0.99
N PRO D 65 -10.23 -4.61 1.86
CA PRO D 65 -10.34 -5.12 3.25
C PRO D 65 -10.76 -6.58 3.37
N LEU D 66 -11.71 -7.04 2.56
CA LEU D 66 -12.23 -8.39 2.79
C LEU D 66 -12.30 -9.27 1.53
N TYR D 67 -12.48 -8.68 0.35
CA TYR D 67 -12.53 -9.50 -0.87
C TYR D 67 -11.20 -10.20 -1.12
N LYS D 68 -11.30 -11.38 -1.75
CA LYS D 68 -10.14 -12.05 -2.31
C LYS D 68 -9.53 -11.19 -3.42
N CYS D 69 -8.43 -10.52 -3.12
CA CYS D 69 -7.85 -9.57 -4.07
C CYS D 69 -6.35 -9.51 -3.84
N SER D 70 -5.64 -9.05 -4.87
CA SER D 70 -4.18 -8.99 -4.86
C SER D 70 -3.71 -7.59 -4.49
N SER D 71 -2.84 -7.51 -3.49
CA SER D 71 -2.33 -6.22 -3.03
C SER D 71 -1.47 -5.57 -4.11
N LYS D 72 -1.54 -4.24 -4.19
CA LYS D 72 -0.78 -3.48 -5.17
C LYS D 72 0.03 -2.39 -4.47
N MET D 73 1.24 -2.15 -4.95
CA MET D 73 2.10 -1.13 -4.40
C MET D 73 1.88 0.19 -5.15
N VAL D 74 1.61 1.26 -4.41
CA VAL D 74 1.29 2.54 -5.01
C VAL D 74 2.18 3.62 -4.40
N LEU D 75 2.46 4.64 -5.20
CA LEU D 75 3.26 5.79 -4.76
C LEU D 75 2.33 6.96 -4.45
N LEU D 76 2.44 7.50 -3.25
CA LEU D 76 1.61 8.59 -2.78
C LEU D 76 2.51 9.74 -2.33
N ALA D 77 1.89 10.89 -2.06
CA ALA D 77 2.62 12.07 -1.64
C ALA D 77 1.98 12.64 -0.39
N ARG D 78 2.81 13.33 0.40
CA ARG D 78 2.41 13.78 1.74
C ARG D 78 2.99 15.15 1.99
N CYS D 79 2.13 16.13 2.23
CA CYS D 79 2.62 17.45 2.61
C CYS D 79 3.18 17.41 4.02
N GLU D 80 4.33 18.07 4.23
CA GLU D 80 5.05 17.93 5.49
C GLU D 80 5.89 19.18 5.72
N GLY D 81 5.83 19.72 6.94
CA GLY D 81 6.72 20.81 7.31
C GLY D 81 6.12 21.66 8.42
N HIS D 82 6.83 22.74 8.72
CA HIS D 82 6.42 23.71 9.73
C HIS D 82 6.14 25.04 9.06
N CYS D 83 4.96 25.59 9.32
CA CYS D 83 4.61 26.90 8.79
C CYS D 83 5.42 27.99 9.48
N SER D 84 5.85 28.99 8.70
CA SER D 84 6.68 30.06 9.25
C SER D 84 5.89 31.03 10.09
N GLN D 85 4.58 31.15 9.86
CA GLN D 85 3.74 32.08 10.59
C GLN D 85 3.31 31.43 11.90
N ALA D 86 3.53 32.14 13.01
CA ALA D 86 3.16 31.64 14.31
C ALA D 86 1.65 31.63 14.48
N SER D 87 1.14 30.56 15.10
CA SER D 87 -0.26 30.51 15.46
C SER D 87 -0.54 31.53 16.55
N ARG D 88 -1.74 32.11 16.51
CA ARG D 88 -2.07 33.22 17.39
C ARG D 88 -3.52 33.12 17.82
N SER D 89 -3.80 33.69 18.99
CA SER D 89 -5.16 33.72 19.54
C SER D 89 -5.31 34.99 20.36
N GLU D 90 -6.29 35.81 19.99
CA GLU D 90 -6.53 37.09 20.64
C GLU D 90 -7.91 37.10 21.28
N PRO D 91 -8.03 37.59 22.52
CA PRO D 91 -9.35 37.79 23.10
C PRO D 91 -10.10 38.90 22.39
N LEU D 92 -11.41 38.78 22.34
CA LEU D 92 -12.27 39.77 21.70
C LEU D 92 -13.12 40.47 22.75
N VAL D 93 -13.21 41.79 22.64
CA VAL D 93 -14.05 42.59 23.52
C VAL D 93 -15.34 42.89 22.78
N SER D 94 -16.46 42.48 23.36
CA SER D 94 -17.77 42.63 22.75
C SER D 94 -18.66 43.46 23.67
N PHE D 95 -19.36 44.43 23.08
CA PHE D 95 -20.29 45.28 23.82
C PHE D 95 -21.73 44.81 23.68
N SER D 96 -21.95 43.67 23.03
CA SER D 96 -23.28 43.08 22.87
C SER D 96 -23.39 41.83 23.74
N THR D 97 -24.55 41.68 24.39
CA THR D 97 -24.76 40.57 25.31
C THR D 97 -24.85 39.21 24.64
N VAL D 98 -24.91 39.16 23.31
CA VAL D 98 -25.01 37.90 22.58
C VAL D 98 -23.72 37.10 22.75
N LEU D 99 -23.76 35.82 22.37
CA LEU D 99 -22.60 34.94 22.47
C LEU D 99 -21.77 35.03 21.19
N LYS D 100 -20.45 35.10 21.35
CA LYS D 100 -19.52 35.17 20.23
C LYS D 100 -18.39 34.18 20.46
N GLN D 101 -17.76 33.76 19.35
CA GLN D 101 -16.56 32.94 19.40
C GLN D 101 -15.52 33.81 20.11
N PRO D 102 -15.17 33.49 21.35
CA PRO D 102 -14.49 34.48 22.21
C PRO D 102 -13.14 34.95 21.69
N PHE D 103 -12.46 34.17 20.86
CA PHE D 103 -11.11 34.48 20.43
C PHE D 103 -11.00 34.53 18.92
N ARG D 104 -10.32 35.56 18.42
CA ARG D 104 -9.80 35.51 17.06
C ARG D 104 -8.64 34.52 17.01
N SER D 105 -8.57 33.76 15.92
CA SER D 105 -7.58 32.70 15.80
C SER D 105 -6.86 32.78 14.47
N SER D 106 -5.59 32.41 14.48
CA SER D 106 -4.80 32.27 13.26
C SER D 106 -3.97 31.00 13.39
N CYS D 107 -4.11 30.12 12.41
CA CYS D 107 -3.49 28.79 12.44
C CYS D 107 -3.13 28.43 11.01
N HIS D 108 -1.85 28.55 10.68
CA HIS D 108 -1.38 28.18 9.35
C HIS D 108 -0.96 26.72 9.33
N CYS D 109 -1.45 26.00 8.32
CA CYS D 109 -1.23 24.57 8.21
C CYS D 109 -0.72 24.26 6.81
N CYS D 110 0.35 23.45 6.75
CA CYS D 110 0.90 22.91 5.51
C CYS D 110 -0.06 21.89 4.92
N ARG D 111 -0.87 22.31 3.96
CA ARG D 111 -1.84 21.43 3.36
C ARG D 111 -1.77 21.55 1.85
N PRO D 112 -2.25 20.55 1.11
CA PRO D 112 -2.08 20.55 -0.34
C PRO D 112 -2.81 21.71 -1.00
N GLN D 113 -2.24 22.17 -2.12
CA GLN D 113 -2.76 23.25 -2.93
C GLN D 113 -3.40 22.77 -4.23
N THR D 114 -2.82 21.76 -4.85
CA THR D 114 -3.35 21.18 -6.09
C THR D 114 -3.47 19.67 -5.91
N SER D 115 -4.42 19.08 -6.61
CA SER D 115 -4.68 17.65 -6.50
C SER D 115 -5.06 17.10 -7.87
N LYS D 116 -4.74 15.83 -8.09
CA LYS D 116 -5.09 15.14 -9.32
C LYS D 116 -5.74 13.83 -8.92
N LEU D 117 -7.02 13.67 -9.25
CA LEU D 117 -7.72 12.44 -8.93
C LEU D 117 -7.20 11.30 -9.81
N LYS D 118 -6.83 10.19 -9.20
CA LYS D 118 -6.33 9.02 -9.91
C LYS D 118 -6.97 7.78 -9.33
N ALA D 119 -7.02 6.72 -10.13
CA ALA D 119 -7.64 5.47 -9.72
C ALA D 119 -6.81 4.30 -10.22
N LEU D 120 -6.92 3.18 -9.52
CA LEU D 120 -6.20 1.97 -9.89
C LEU D 120 -7.13 0.76 -9.84
N ARG D 121 -6.84 -0.19 -10.72
CA ARG D 121 -7.66 -1.38 -10.93
C ARG D 121 -7.01 -2.57 -10.25
N LEU D 122 -7.79 -3.30 -9.46
CA LEU D 122 -7.30 -4.51 -8.80
C LEU D 122 -7.87 -5.74 -9.47
N ARG D 123 -7.16 -6.85 -9.32
CA ARG D 123 -7.59 -8.16 -9.81
C ARG D 123 -8.01 -9.01 -8.62
N CYS D 124 -9.16 -9.65 -8.74
CA CYS D 124 -9.81 -10.28 -7.60
C CYS D 124 -10.33 -11.65 -8.04
N SER D 125 -10.89 -12.39 -7.09
CA SER D 125 -11.29 -13.77 -7.34
C SER D 125 -12.39 -13.83 -8.39
N GLY D 126 -12.36 -14.89 -9.20
CA GLY D 126 -13.34 -15.08 -10.25
C GLY D 126 -13.16 -14.18 -11.46
N GLY D 127 -12.04 -13.46 -11.54
CA GLY D 127 -11.80 -12.54 -12.63
C GLY D 127 -12.51 -11.20 -12.50
N MET D 128 -13.29 -10.99 -11.45
CA MET D 128 -13.91 -9.70 -11.24
C MET D 128 -12.86 -8.68 -10.82
N ARG D 129 -13.09 -7.43 -11.22
CA ARG D 129 -12.12 -6.36 -10.99
C ARG D 129 -12.85 -5.16 -10.41
N LEU D 130 -12.16 -4.44 -9.53
CA LEU D 130 -12.71 -3.28 -8.86
C LEU D 130 -11.72 -2.13 -8.89
N THR D 131 -12.24 -0.92 -8.81
CA THR D 131 -11.45 0.30 -8.93
C THR D 131 -11.42 1.03 -7.60
N ALA D 132 -10.23 1.44 -7.19
CA ALA D 132 -10.06 2.25 -5.99
C ALA D 132 -9.52 3.61 -6.37
N THR D 133 -9.92 4.63 -5.63
CA THR D 133 -9.67 6.02 -5.98
C THR D 133 -8.87 6.72 -4.90
N TYR D 134 -8.02 7.66 -5.31
CA TYR D 134 -7.24 8.47 -4.40
C TYR D 134 -6.86 9.76 -5.10
N ARG D 135 -6.37 10.71 -4.31
CA ARG D 135 -5.94 12.01 -4.82
C ARG D 135 -4.42 12.11 -4.69
N TYR D 136 -3.75 12.44 -5.79
CA TYR D 136 -2.31 12.62 -5.83
C TYR D 136 -2.04 14.12 -5.67
N ILE D 137 -1.37 14.48 -4.58
CA ILE D 137 -1.07 15.88 -4.31
C ILE D 137 0.21 16.26 -5.03
N LEU D 138 0.21 17.43 -5.67
CA LEU D 138 1.35 17.88 -6.45
C LEU D 138 2.09 19.05 -5.80
N SER D 139 1.41 19.86 -4.98
CA SER D 139 2.05 20.98 -4.32
C SER D 139 1.40 21.20 -2.95
N CYS D 140 2.16 21.83 -2.06
CA CYS D 140 1.69 22.14 -0.71
C CYS D 140 1.93 23.60 -0.40
N HIS D 141 1.12 24.13 0.53
CA HIS D 141 1.24 25.51 0.94
C HIS D 141 0.65 25.67 2.33
N CYS D 142 1.18 26.64 3.07
CA CYS D 142 0.55 27.02 4.33
C CYS D 142 -0.73 27.79 4.04
N GLU D 143 -1.81 27.42 4.73
CA GLU D 143 -3.07 28.12 4.55
C GLU D 143 -3.81 28.15 5.88
N GLU D 144 -4.70 29.12 6.02
CA GLU D 144 -5.50 29.27 7.23
C GLU D 144 -6.35 28.03 7.45
N CYS D 145 -6.19 27.41 8.61
CA CYS D 145 -6.92 26.18 8.92
C CYS D 145 -8.42 26.43 8.99
N ASN D 146 -8.84 27.52 9.64
CA ASN D 146 -10.27 27.76 9.84
C ASN D 146 -10.98 28.06 8.53
N SER D 147 -10.27 28.55 7.53
CA SER D 147 -10.89 28.89 6.24
C SER D 147 -11.38 27.65 5.51
#